data_6NTL
#
_entry.id   6NTL
#
_cell.length_a   104.966
_cell.length_b   104.966
_cell.length_c   323.844
_cell.angle_alpha   90.00
_cell.angle_beta   90.00
_cell.angle_gamma   120.00
#
_symmetry.space_group_name_H-M   'P 31 2 1'
#
loop_
_entity.id
_entity.type
_entity.pdbx_description
1 polymer Acetylcholinesterase
2 branched 2-acetamido-2-deoxy-beta-D-glucopyranose-(1-4)-[alpha-L-fucopyranose-(1-6)]2-acetamido-2-deoxy-beta-D-glucopyranose
3 non-polymer 2-(2-(2-(2-(2-(2-ETHOXYETHOXY)ETHOXY)ETHOXY)ETHOXY)ETHOXY)ETHANOL
4 non-polymer 'ethyl (R)-N-[(1E)-1-(diethylamino)ethylidene]phosphonamidate'
5 water water
#
_entity_poly.entity_id   1
_entity_poly.type   'polypeptide(L)'
_entity_poly.pdbx_seq_one_letter_code
;GREDAELLVTVRGGRLRGIRLKTPGGPVSAFLGIPFAEPPMGPRRFLPPEPKQPWSGVVDATTFQSVCYQYVDTLYPGFE
GTEMWNPNRELSEDCLYLNVWTPYPRPTSPTPVLVWIYGGGFYSGASSLDVYDGRFLVQAERTVLVSMNYRVGAFGFLAL
PGSREAPGNVGLLDQRLALQWVQENVAAFGGDPTSVTLFGESAGAASVGMHLLSPPSRGLFHRAVLQSGAPNGPWATVGM
GEARRRATQLAHLVGCPPGGTGGNDTELVACLRTRPAQVLVNHEWHVLPQESVFRFSFVPVVDGDFLSDTPEALINAGDF
HGLQVLVGVVKDEGSYFLVYGAPGFSKDNESLISRAEFLAGVRVGVPQVSDLAAEAVVLHYTDWLHPEDPARLREALSDV
VGDHNVVCPVAQLAGRLAAQGARVYAYVFEHRASTLSWPLWMGVPHGYEIEFIFGIPLDPSRNYTAEEKIFAQRLMRYWA
NFARTGDPNEPRDPKAPQWPPYTAGAQQYVSLDLRPLEVRRGLRAQACAFWNRFLPKLLSAT
;
_entity_poly.pdbx_strand_id   A,B
#
# COMPACT_ATOMS: atom_id res chain seq x y z
N ARG A 2 14.06 -49.34 29.89
CA ARG A 2 12.90 -48.51 29.58
C ARG A 2 13.12 -47.20 28.84
N GLU A 3 12.93 -46.11 29.59
CA GLU A 3 12.89 -44.73 29.14
C GLU A 3 13.84 -43.88 29.97
N ASP A 4 14.46 -42.92 29.32
CA ASP A 4 15.35 -41.97 29.98
C ASP A 4 14.52 -40.71 30.17
N ALA A 5 14.23 -40.38 31.43
CA ALA A 5 13.33 -39.28 31.73
C ALA A 5 13.84 -37.95 31.21
N GLU A 6 15.17 -37.82 31.04
CA GLU A 6 15.72 -36.59 30.49
C GLU A 6 15.33 -36.39 29.03
N LEU A 7 15.06 -37.48 28.31
CA LEU A 7 14.72 -37.40 26.90
C LEU A 7 13.22 -37.40 26.66
N LEU A 8 12.42 -37.23 27.71
CA LEU A 8 10.97 -37.15 27.59
C LEU A 8 10.52 -35.77 28.04
N VAL A 9 9.80 -35.06 27.17
CA VAL A 9 9.31 -33.72 27.43
C VAL A 9 7.88 -33.62 26.92
N THR A 10 7.03 -32.94 27.68
CA THR A 10 5.66 -32.65 27.27
C THR A 10 5.55 -31.17 26.89
N VAL A 11 5.17 -30.91 25.65
CA VAL A 11 4.87 -29.55 25.21
C VAL A 11 3.37 -29.42 25.05
N ARG A 12 2.90 -28.26 24.58
CA ARG A 12 1.46 -28.03 24.53
C ARG A 12 0.76 -28.94 23.54
N GLY A 13 1.45 -29.36 22.47
CA GLY A 13 0.85 -30.23 21.50
C GLY A 13 0.83 -31.69 21.89
N GLY A 14 1.69 -32.11 22.80
CA GLY A 14 1.76 -33.49 23.22
C GLY A 14 3.16 -33.83 23.69
N ARG A 15 3.44 -35.13 23.73
CA ARG A 15 4.67 -35.64 24.31
C ARG A 15 5.73 -35.84 23.23
N LEU A 16 6.99 -35.64 23.62
CA LEU A 16 8.13 -35.76 22.73
C LEU A 16 9.16 -36.70 23.35
N ARG A 17 9.90 -37.38 22.48
CA ARG A 17 11.04 -38.20 22.87
C ARG A 17 12.26 -37.73 22.09
N GLY A 18 13.32 -37.37 22.79
CA GLY A 18 14.55 -36.88 22.20
C GLY A 18 15.66 -37.91 22.20
N ILE A 19 16.88 -37.41 22.00
CA ILE A 19 18.07 -38.26 21.96
C ILE A 19 19.17 -37.61 22.77
N ARG A 20 20.03 -38.44 23.35
CA ARG A 20 21.21 -37.99 24.08
C ARG A 20 22.38 -37.94 23.11
N LEU A 21 22.98 -36.76 22.98
CA LEU A 21 24.10 -36.56 22.07
C LEU A 21 25.40 -36.50 22.84
N LYS A 22 26.45 -37.06 22.25
CA LYS A 22 27.78 -36.99 22.82
C LYS A 22 28.48 -35.74 22.29
N THR A 23 29.17 -35.04 23.17
CA THR A 23 30.05 -33.95 22.82
C THR A 23 31.37 -34.18 23.52
N PRO A 24 32.45 -33.55 23.04
CA PRO A 24 33.73 -33.66 23.77
C PRO A 24 33.64 -33.26 25.23
N GLY A 25 32.75 -32.34 25.58
CA GLY A 25 32.58 -31.91 26.95
C GLY A 25 31.53 -32.64 27.77
N GLY A 26 30.87 -33.65 27.22
CA GLY A 26 29.82 -34.33 27.93
C GLY A 26 28.50 -34.33 27.17
N PRO A 27 27.49 -34.98 27.74
CA PRO A 27 26.25 -35.20 26.99
C PRO A 27 25.39 -33.95 26.88
N VAL A 28 24.52 -33.97 25.87
CA VAL A 28 23.56 -32.91 25.60
C VAL A 28 22.27 -33.60 25.17
N SER A 29 21.12 -33.05 25.58
CA SER A 29 19.83 -33.53 25.12
C SER A 29 19.42 -32.75 23.89
N ALA A 30 18.99 -33.47 22.85
CA ALA A 30 18.57 -32.87 21.60
C ALA A 30 17.20 -33.38 21.23
N PHE A 31 16.33 -32.47 20.78
CA PHE A 31 15.00 -32.79 20.31
C PHE A 31 14.91 -32.23 18.89
N LEU A 32 15.14 -33.08 17.90
CA LEU A 32 15.31 -32.66 16.52
C LEU A 32 14.07 -33.06 15.73
N GLY A 33 13.56 -32.15 14.91
CA GLY A 33 12.38 -32.43 14.13
C GLY A 33 11.08 -32.35 14.90
N ILE A 34 10.93 -31.33 15.74
CA ILE A 34 9.68 -31.08 16.45
C ILE A 34 8.73 -30.35 15.50
N PRO A 35 7.55 -30.90 15.21
CA PRO A 35 6.62 -30.18 14.33
C PRO A 35 6.01 -28.98 15.06
N PHE A 36 6.14 -27.80 14.46
CA PHE A 36 5.53 -26.60 15.01
C PHE A 36 4.43 -26.02 14.14
N ALA A 37 4.21 -26.57 12.94
CA ALA A 37 3.12 -26.14 12.08
C ALA A 37 2.54 -27.35 11.37
N GLU A 38 1.31 -27.20 10.91
CA GLU A 38 0.75 -28.18 9.99
C GLU A 38 1.55 -28.15 8.68
N PRO A 39 1.76 -29.31 8.05
CA PRO A 39 2.51 -29.34 6.79
C PRO A 39 1.85 -28.47 5.73
N PRO A 40 2.58 -27.49 5.19
CA PRO A 40 2.00 -26.57 4.20
C PRO A 40 1.96 -27.16 2.79
N MET A 41 1.26 -28.28 2.64
CA MET A 41 1.19 -29.01 1.39
C MET A 41 -0.16 -28.80 0.70
N GLY A 42 -0.17 -29.09 -0.60
CA GLY A 42 -1.38 -29.02 -1.40
C GLY A 42 -2.08 -27.69 -1.32
N PRO A 43 -3.29 -27.68 -0.76
CA PRO A 43 -4.03 -26.41 -0.62
C PRO A 43 -3.35 -25.42 0.31
N ARG A 44 -2.49 -25.90 1.22
CA ARG A 44 -1.80 -25.03 2.16
C ARG A 44 -0.55 -24.39 1.60
N ARG A 45 -0.15 -24.72 0.37
CA ARG A 45 1.00 -24.08 -0.24
C ARG A 45 0.73 -22.60 -0.45
N PHE A 46 1.73 -21.76 -0.13
CA PHE A 46 1.73 -20.30 -0.19
C PHE A 46 0.94 -19.67 0.95
N LEU A 47 0.31 -20.44 1.81
CA LEU A 47 -0.53 -19.89 2.87
C LEU A 47 0.28 -19.70 4.15
N PRO A 48 -0.15 -18.79 5.02
CA PRO A 48 0.50 -18.66 6.31
C PRO A 48 0.45 -19.97 7.07
N PRO A 49 1.45 -20.24 7.90
CA PRO A 49 1.46 -21.52 8.63
C PRO A 49 0.34 -21.57 9.66
N GLU A 50 -0.22 -22.76 9.83
CA GLU A 50 -1.17 -22.89 10.92
C GLU A 50 -0.55 -23.77 12.01
N PRO A 51 -0.80 -23.43 13.28
CA PRO A 51 -0.12 -24.15 14.37
C PRO A 51 -0.40 -25.64 14.31
N LYS A 52 0.62 -26.42 14.69
CA LYS A 52 0.50 -27.87 14.70
C LYS A 52 -0.57 -28.30 15.71
N GLN A 53 -1.54 -29.08 15.23
CA GLN A 53 -2.61 -29.53 16.09
C GLN A 53 -2.11 -30.61 17.05
N PRO A 54 -2.70 -30.70 18.24
CA PRO A 54 -2.19 -31.65 19.24
C PRO A 54 -2.26 -33.10 18.77
N TRP A 55 -1.37 -33.92 19.32
CA TRP A 55 -1.27 -35.33 19.01
C TRP A 55 -1.31 -36.15 20.29
N SER A 56 -1.75 -37.39 20.15
CA SER A 56 -1.64 -38.37 21.23
C SER A 56 -0.39 -39.23 21.02
N GLY A 57 0.02 -39.90 22.09
CA GLY A 57 1.25 -40.68 22.02
C GLY A 57 2.48 -39.79 22.04
N VAL A 58 3.61 -40.40 21.71
CA VAL A 58 4.92 -39.76 21.82
C VAL A 58 5.50 -39.58 20.41
N VAL A 59 5.80 -38.33 20.06
CA VAL A 59 6.47 -38.03 18.80
C VAL A 59 7.98 -38.19 19.00
N ASP A 60 8.61 -38.95 18.13
CA ASP A 60 10.06 -39.14 18.16
C ASP A 60 10.74 -37.94 17.53
N ALA A 61 11.40 -37.13 18.35
CA ALA A 61 12.17 -35.97 17.88
C ALA A 61 13.66 -36.30 17.94
N THR A 62 14.03 -37.30 17.14
CA THR A 62 15.35 -37.92 17.23
C THR A 62 16.24 -37.67 16.02
N THR A 63 15.77 -36.96 15.00
CA THR A 63 16.60 -36.68 13.83
C THR A 63 16.05 -35.46 13.12
N PHE A 64 16.93 -34.77 12.39
CA PHE A 64 16.51 -33.61 11.61
C PHE A 64 15.47 -34.02 10.58
N GLN A 65 14.50 -33.13 10.35
CA GLN A 65 13.46 -33.40 9.36
C GLN A 65 13.89 -32.87 7.99
N SER A 66 13.00 -32.97 7.02
CA SER A 66 13.32 -32.66 5.64
C SER A 66 13.69 -31.19 5.47
N VAL A 67 14.47 -30.92 4.43
CA VAL A 67 14.80 -29.55 4.04
C VAL A 67 13.67 -29.02 3.16
N CYS A 68 13.29 -27.77 3.38
CA CYS A 68 12.27 -27.15 2.54
C CYS A 68 12.74 -27.12 1.10
N TYR A 69 11.80 -27.31 0.18
CA TYR A 69 12.12 -27.40 -1.25
C TYR A 69 12.90 -26.16 -1.68
N GLN A 70 14.00 -26.39 -2.39
CA GLN A 70 14.89 -25.29 -2.75
C GLN A 70 15.80 -25.70 -3.89
N TYR A 71 16.31 -24.68 -4.59
CA TYR A 71 17.35 -24.87 -5.58
C TYR A 71 18.59 -25.48 -4.95
N VAL A 72 19.25 -26.38 -5.67
CA VAL A 72 20.47 -27.05 -5.21
C VAL A 72 21.62 -26.55 -6.07
N ASP A 73 22.64 -26.01 -5.41
CA ASP A 73 23.75 -25.39 -6.12
C ASP A 73 24.59 -26.43 -6.86
N THR A 74 24.96 -26.12 -8.10
CA THR A 74 25.76 -27.01 -8.94
C THR A 74 26.96 -26.31 -9.55
N LEU A 75 27.39 -25.17 -9.00
CA LEU A 75 28.49 -24.43 -9.60
C LEU A 75 29.80 -25.21 -9.55
N TYR A 76 30.11 -25.80 -8.40
CA TYR A 76 31.32 -26.60 -8.22
C TYR A 76 30.91 -27.93 -7.61
N PRO A 77 30.45 -28.88 -8.43
CA PRO A 77 29.96 -30.16 -7.91
C PRO A 77 31.04 -30.91 -7.13
N GLY A 78 30.68 -31.36 -5.93
CA GLY A 78 31.59 -32.07 -5.06
C GLY A 78 32.53 -31.20 -4.25
N PHE A 79 32.54 -29.89 -4.49
CA PHE A 79 33.44 -28.99 -3.79
C PHE A 79 32.90 -28.68 -2.39
N GLU A 80 33.74 -28.88 -1.38
CA GLU A 80 33.32 -28.69 0.00
C GLU A 80 32.80 -27.27 0.24
N GLY A 81 33.43 -26.27 -0.37
CA GLY A 81 33.04 -24.89 -0.10
C GLY A 81 31.61 -24.57 -0.46
N THR A 82 31.05 -25.26 -1.46
CA THR A 82 29.66 -25.07 -1.84
C THR A 82 28.74 -26.17 -1.31
N GLU A 83 29.22 -27.42 -1.24
CA GLU A 83 28.36 -28.51 -0.81
C GLU A 83 27.96 -28.38 0.66
N MET A 84 28.76 -27.69 1.46
CA MET A 84 28.44 -27.52 2.87
C MET A 84 27.17 -26.71 3.09
N TRP A 85 26.70 -25.98 2.08
CA TRP A 85 25.48 -25.20 2.17
C TRP A 85 24.28 -25.89 1.54
N ASN A 86 24.50 -26.99 0.82
CA ASN A 86 23.44 -27.70 0.12
C ASN A 86 22.66 -28.59 1.10
N PRO A 87 21.43 -28.96 0.73
CA PRO A 87 20.62 -29.79 1.65
C PRO A 87 21.30 -31.10 2.01
N ASN A 88 21.23 -31.45 3.30
CA ASN A 88 21.69 -32.73 3.80
C ASN A 88 20.55 -33.63 4.24
N ARG A 89 19.32 -33.30 3.83
CA ARG A 89 18.15 -34.15 4.01
C ARG A 89 17.33 -34.06 2.73
N GLU A 90 16.38 -34.97 2.58
CA GLU A 90 15.53 -34.95 1.39
C GLU A 90 14.75 -33.64 1.33
N LEU A 91 14.45 -33.21 0.11
CA LEU A 91 13.62 -32.03 -0.09
C LEU A 91 12.15 -32.39 0.10
N SER A 92 11.40 -31.49 0.73
CA SER A 92 9.97 -31.70 0.92
C SER A 92 9.32 -30.38 1.29
N GLU A 93 8.07 -30.20 0.84
CA GLU A 93 7.28 -29.08 1.36
C GLU A 93 6.83 -29.35 2.79
N ASP A 94 6.85 -30.60 3.23
CA ASP A 94 6.61 -30.98 4.63
C ASP A 94 7.91 -30.77 5.39
N CYS A 95 8.15 -29.52 5.80
CA CYS A 95 9.45 -29.15 6.35
C CYS A 95 9.38 -28.23 7.57
N LEU A 96 8.20 -27.94 8.11
CA LEU A 96 8.08 -26.97 9.19
C LEU A 96 8.30 -27.66 10.52
N TYR A 97 9.58 -27.85 10.85
CA TYR A 97 10.01 -28.47 12.09
C TYR A 97 11.11 -27.63 12.72
N LEU A 98 11.26 -27.75 14.04
CA LEU A 98 12.31 -27.04 14.75
C LEU A 98 13.07 -28.01 15.65
N ASN A 99 14.18 -27.52 16.20
CA ASN A 99 15.09 -28.33 16.98
C ASN A 99 15.43 -27.60 18.28
N VAL A 100 15.55 -28.35 19.36
CA VAL A 100 15.90 -27.81 20.67
C VAL A 100 17.06 -28.62 21.22
N TRP A 101 18.17 -27.95 21.53
CA TRP A 101 19.26 -28.55 22.28
C TRP A 101 19.22 -27.99 23.69
N THR A 102 19.42 -28.87 24.68
CA THR A 102 19.42 -28.48 26.07
C THR A 102 20.47 -29.32 26.79
N PRO A 103 21.07 -28.79 27.85
CA PRO A 103 22.08 -29.56 28.59
C PRO A 103 21.49 -30.79 29.25
N TYR A 104 22.38 -31.75 29.51
CA TYR A 104 22.04 -33.01 30.15
C TYR A 104 22.77 -33.11 31.48
N PRO A 105 22.08 -33.19 32.62
CA PRO A 105 20.61 -33.22 32.79
C PRO A 105 19.96 -31.87 32.55
N ARG A 106 18.63 -31.87 32.45
CA ARG A 106 17.87 -30.66 32.17
C ARG A 106 18.21 -29.59 33.21
N PRO A 107 18.26 -28.31 32.80
CA PRO A 107 18.62 -27.24 33.74
C PRO A 107 17.62 -27.15 34.87
N THR A 108 18.12 -26.81 36.06
CA THR A 108 17.25 -26.70 37.22
C THR A 108 16.53 -25.34 37.27
N SER A 109 17.19 -24.28 36.81
CA SER A 109 16.65 -22.94 36.78
C SER A 109 16.55 -22.45 35.35
N PRO A 110 15.67 -21.48 35.07
CA PRO A 110 15.49 -21.01 33.70
C PRO A 110 16.80 -20.55 33.09
N THR A 111 17.07 -21.02 31.87
CA THR A 111 18.31 -20.79 31.15
C THR A 111 18.09 -19.94 29.91
N PRO A 112 18.99 -19.01 29.60
CA PRO A 112 18.81 -18.16 28.42
C PRO A 112 18.77 -18.98 27.13
N VAL A 113 17.97 -18.50 26.18
CA VAL A 113 17.68 -19.23 24.95
C VAL A 113 18.32 -18.48 23.78
N LEU A 114 19.01 -19.21 22.93
CA LEU A 114 19.50 -18.71 21.65
C LEU A 114 18.70 -19.36 20.53
N VAL A 115 18.18 -18.54 19.62
CA VAL A 115 17.36 -19.01 18.51
C VAL A 115 18.06 -18.66 17.21
N TRP A 116 18.40 -19.67 16.42
CA TRP A 116 19.17 -19.51 15.19
C TRP A 116 18.24 -19.47 13.98
N ILE A 117 18.48 -18.51 13.09
CA ILE A 117 17.78 -18.40 11.81
C ILE A 117 18.83 -18.49 10.71
N TYR A 118 18.79 -19.56 9.92
CA TYR A 118 19.81 -19.75 8.90
C TYR A 118 19.61 -18.76 7.75
N GLY A 119 20.70 -18.53 7.02
CA GLY A 119 20.66 -17.77 5.79
C GLY A 119 20.54 -18.66 4.57
N GLY A 120 20.75 -18.05 3.40
CA GLY A 120 20.61 -18.75 2.14
C GLY A 120 19.87 -17.93 1.11
N GLY A 121 19.94 -16.61 1.24
CA GLY A 121 19.34 -15.70 0.27
C GLY A 121 17.83 -15.78 0.17
N PHE A 122 17.16 -16.31 1.20
CA PHE A 122 15.72 -16.58 1.21
C PHE A 122 15.29 -17.59 0.14
N TYR A 123 16.24 -18.21 -0.55
CA TYR A 123 15.94 -19.24 -1.54
C TYR A 123 16.46 -20.62 -1.15
N SER A 124 17.24 -20.73 -0.08
CA SER A 124 17.87 -21.99 0.30
C SER A 124 18.18 -21.95 1.78
N GLY A 125 18.77 -23.03 2.27
CA GLY A 125 19.15 -23.13 3.67
C GLY A 125 18.39 -24.20 4.40
N ALA A 126 18.91 -24.62 5.56
CA ALA A 126 18.28 -25.65 6.37
C ALA A 126 18.90 -25.59 7.76
N SER A 127 18.09 -25.90 8.77
CA SER A 127 18.60 -25.96 10.13
C SER A 127 19.41 -27.22 10.40
N SER A 128 19.47 -28.14 9.45
CA SER A 128 20.15 -29.42 9.63
C SER A 128 21.59 -29.42 9.16
N LEU A 129 22.08 -28.32 8.60
CA LEU A 129 23.45 -28.28 8.10
C LEU A 129 24.44 -28.53 9.22
N ASP A 130 25.53 -29.23 8.89
CA ASP A 130 26.53 -29.59 9.90
C ASP A 130 27.06 -28.37 10.62
N VAL A 131 27.21 -27.25 9.89
CA VAL A 131 27.80 -26.05 10.46
C VAL A 131 26.88 -25.36 11.46
N TYR A 132 25.61 -25.76 11.54
CA TYR A 132 24.66 -25.23 12.51
C TYR A 132 24.43 -26.18 13.68
N ASP A 133 25.29 -27.18 13.85
CA ASP A 133 25.11 -28.15 14.94
C ASP A 133 25.22 -27.45 16.28
N GLY A 134 24.13 -27.47 17.05
CA GLY A 134 24.05 -26.74 18.30
C GLY A 134 24.60 -27.43 19.52
N ARG A 135 25.15 -28.64 19.39
CA ARG A 135 25.56 -29.40 20.56
C ARG A 135 26.74 -28.75 21.28
N PHE A 136 27.63 -28.10 20.54
CA PHE A 136 28.84 -27.54 21.15
C PHE A 136 28.54 -26.25 21.91
N LEU A 137 27.69 -25.39 21.35
CA LEU A 137 27.30 -24.18 22.06
C LEU A 137 26.60 -24.50 23.38
N VAL A 138 25.70 -25.47 23.37
CA VAL A 138 24.93 -25.80 24.56
C VAL A 138 25.84 -26.37 25.64
N GLN A 139 26.73 -27.28 25.26
CA GLN A 139 27.63 -27.88 26.26
C GLN A 139 28.61 -26.85 26.81
N ALA A 140 29.18 -26.01 25.95
CA ALA A 140 30.24 -25.11 26.39
C ALA A 140 29.69 -23.97 27.24
N GLU A 141 28.55 -23.42 26.86
CA GLU A 141 28.07 -22.20 27.47
C GLU A 141 26.80 -22.36 28.30
N ARG A 142 26.28 -23.57 28.34
CA ARG A 142 25.09 -23.89 29.07
C ARG A 142 23.84 -23.10 28.77
N THR A 143 23.56 -22.94 27.52
CA THR A 143 22.35 -22.29 27.03
C THR A 143 21.38 -23.30 26.41
N VAL A 144 20.14 -22.88 26.19
CA VAL A 144 19.21 -23.64 25.35
C VAL A 144 19.27 -23.05 23.96
N LEU A 145 19.43 -23.90 22.95
CA LEU A 145 19.53 -23.45 21.57
C LEU A 145 18.36 -24.01 20.78
N VAL A 146 17.69 -23.14 20.02
CA VAL A 146 16.58 -23.51 19.17
C VAL A 146 16.90 -23.07 17.75
N SER A 147 16.56 -23.92 16.78
CA SER A 147 16.63 -23.56 15.37
C SER A 147 15.41 -24.13 14.67
N MET A 148 14.93 -23.40 13.65
CA MET A 148 13.73 -23.81 12.94
C MET A 148 13.99 -23.81 11.43
N ASN A 149 13.23 -24.65 10.74
CA ASN A 149 13.14 -24.56 9.28
C ASN A 149 12.01 -23.60 8.92
N TYR A 150 12.23 -22.82 7.86
CA TYR A 150 11.21 -21.93 7.34
C TYR A 150 11.23 -22.02 5.82
N ARG A 151 10.06 -21.81 5.22
CA ARG A 151 9.93 -21.96 3.78
C ARG A 151 10.74 -20.91 3.05
N VAL A 152 11.37 -21.33 1.95
CA VAL A 152 12.22 -20.46 1.14
C VAL A 152 11.73 -20.51 -0.30
N GLY A 153 12.32 -19.66 -1.13
CA GLY A 153 11.94 -19.61 -2.54
C GLY A 153 10.50 -19.18 -2.72
N ALA A 154 9.89 -19.66 -3.80
CA ALA A 154 8.49 -19.34 -4.06
C ALA A 154 7.58 -19.83 -2.94
N PHE A 155 7.91 -20.97 -2.34
CA PHE A 155 7.04 -21.55 -1.31
C PHE A 155 6.97 -20.66 -0.07
N GLY A 156 8.00 -19.85 0.18
CA GLY A 156 8.01 -19.01 1.35
C GLY A 156 7.77 -17.54 1.07
N PHE A 157 8.02 -17.09 -0.16
CA PHE A 157 8.04 -15.65 -0.42
C PHE A 157 7.46 -15.24 -1.76
N LEU A 158 6.83 -16.14 -2.51
CA LEU A 158 6.04 -15.71 -3.64
C LEU A 158 4.87 -14.88 -3.13
N ALA A 159 4.69 -13.69 -3.70
CA ALA A 159 3.69 -12.76 -3.21
C ALA A 159 2.88 -12.22 -4.37
N LEU A 160 1.55 -12.38 -4.28
CA LEU A 160 0.60 -11.62 -5.07
C LEU A 160 -0.06 -10.64 -4.10
N PRO A 161 0.52 -9.47 -3.87
CA PRO A 161 0.10 -8.63 -2.73
C PRO A 161 -1.38 -8.30 -2.79
N GLY A 162 -2.02 -8.36 -1.62
CA GLY A 162 -3.45 -8.19 -1.53
C GLY A 162 -4.23 -9.47 -1.74
N SER A 163 -3.60 -10.50 -2.28
CA SER A 163 -4.28 -11.76 -2.58
C SER A 163 -4.41 -12.60 -1.34
N ARG A 164 -5.52 -13.26 -1.15
CA ARG A 164 -5.65 -14.08 0.05
C ARG A 164 -4.94 -15.42 -0.05
N GLU A 165 -4.85 -15.94 -1.23
CA GLU A 165 -4.19 -17.22 -1.46
C GLU A 165 -2.66 -17.19 -1.42
N ALA A 166 -2.03 -16.04 -1.71
CA ALA A 166 -0.57 -15.96 -1.74
C ALA A 166 -0.17 -14.57 -1.23
N PRO A 167 -0.35 -14.33 0.08
CA PRO A 167 -0.09 -12.99 0.62
C PRO A 167 1.38 -12.62 0.66
N GLY A 168 2.29 -13.59 0.65
CA GLY A 168 3.70 -13.31 0.78
C GLY A 168 4.16 -13.29 2.22
N ASN A 169 5.49 -13.35 2.39
CA ASN A 169 6.14 -13.29 3.69
C ASN A 169 5.79 -14.48 4.58
N VAL A 170 5.26 -15.56 4.01
CA VAL A 170 4.85 -16.68 4.84
C VAL A 170 6.06 -17.38 5.45
N GLY A 171 7.20 -17.33 4.76
CA GLY A 171 8.43 -17.82 5.37
C GLY A 171 8.82 -17.06 6.61
N LEU A 172 8.54 -15.76 6.64
CA LEU A 172 8.74 -14.99 7.87
C LEU A 172 7.74 -15.38 8.94
N LEU A 173 6.51 -15.68 8.53
CA LEU A 173 5.51 -16.13 9.50
C LEU A 173 5.84 -17.52 10.03
N ASP A 174 6.51 -18.35 9.22
CA ASP A 174 7.06 -19.61 9.74
C ASP A 174 8.02 -19.34 10.90
N GLN A 175 8.92 -18.37 10.72
CA GLN A 175 9.85 -18.02 11.78
C GLN A 175 9.11 -17.49 13.02
N ARG A 176 8.13 -16.61 12.81
CA ARG A 176 7.39 -16.06 13.94
C ARG A 176 6.65 -17.14 14.70
N LEU A 177 6.02 -18.08 13.98
CA LEU A 177 5.32 -19.18 14.65
C LEU A 177 6.28 -20.00 15.51
N ALA A 178 7.48 -20.26 14.99
CA ALA A 178 8.50 -20.94 15.79
C ALA A 178 8.87 -20.13 17.02
N LEU A 179 8.94 -18.80 16.88
CA LEU A 179 9.23 -17.94 18.02
C LEU A 179 8.09 -17.99 19.04
N GLN A 180 6.84 -18.04 18.56
CA GLN A 180 5.71 -18.20 19.47
C GLN A 180 5.76 -19.56 20.15
N TRP A 181 6.19 -20.59 19.41
CA TRP A 181 6.36 -21.91 20.01
C TRP A 181 7.38 -21.87 21.15
N VAL A 182 8.47 -21.11 20.97
CA VAL A 182 9.48 -20.99 22.00
C VAL A 182 8.90 -20.35 23.26
N GLN A 183 8.14 -19.26 23.08
CA GLN A 183 7.52 -18.60 24.23
C GLN A 183 6.63 -19.56 25.01
N GLU A 184 5.87 -20.41 24.32
CA GLU A 184 4.91 -21.26 25.00
C GLU A 184 5.53 -22.54 25.55
N ASN A 185 6.64 -23.01 24.97
CA ASN A 185 7.13 -24.35 25.26
C ASN A 185 8.56 -24.46 25.75
N VAL A 186 9.39 -23.41 25.62
CA VAL A 186 10.81 -23.57 25.91
C VAL A 186 11.07 -23.83 27.40
N ALA A 187 10.15 -23.42 28.28
CA ALA A 187 10.34 -23.67 29.71
C ALA A 187 10.31 -25.16 30.02
N ALA A 188 9.56 -25.95 29.24
CA ALA A 188 9.52 -27.39 29.45
C ALA A 188 10.90 -28.03 29.25
N PHE A 189 11.78 -27.38 28.50
CA PHE A 189 13.15 -27.86 28.31
C PHE A 189 14.14 -27.21 29.25
N GLY A 190 13.68 -26.32 30.13
CA GLY A 190 14.55 -25.58 31.01
C GLY A 190 14.93 -24.20 30.53
N GLY A 191 14.42 -23.78 29.38
CA GLY A 191 14.76 -22.47 28.85
C GLY A 191 13.94 -21.36 29.48
N ASP A 192 14.50 -20.16 29.46
CA ASP A 192 13.87 -18.98 30.04
C ASP A 192 13.18 -18.20 28.93
N PRO A 193 11.85 -18.21 28.85
CA PRO A 193 11.17 -17.43 27.80
C PRO A 193 11.33 -15.92 27.96
N THR A 194 11.79 -15.44 29.11
CA THR A 194 12.03 -14.02 29.31
C THR A 194 13.45 -13.61 28.95
N SER A 195 14.27 -14.52 28.41
CA SER A 195 15.63 -14.21 27.95
C SER A 195 15.88 -15.00 26.66
N VAL A 196 15.36 -14.47 25.56
CA VAL A 196 15.49 -15.10 24.24
C VAL A 196 16.31 -14.18 23.35
N THR A 197 17.39 -14.72 22.79
CA THR A 197 18.27 -13.97 21.91
C THR A 197 18.22 -14.56 20.52
N LEU A 198 17.76 -13.77 19.55
CA LEU A 198 17.78 -14.17 18.15
C LEU A 198 19.18 -13.97 17.57
N PHE A 199 19.63 -14.93 16.78
CA PHE A 199 20.83 -14.70 16.00
C PHE A 199 20.73 -15.46 14.68
N GLY A 200 21.29 -14.86 13.64
CA GLY A 200 21.24 -15.40 12.29
C GLY A 200 22.30 -14.74 11.43
N GLU A 201 22.54 -15.34 10.27
CA GLU A 201 23.58 -14.89 9.37
C GLU A 201 23.02 -14.74 7.96
N SER A 202 23.50 -13.68 7.28
CA SER A 202 23.11 -13.40 5.89
C SER A 202 21.61 -13.14 5.85
N ALA A 203 20.83 -13.89 5.02
CA ALA A 203 19.38 -13.71 5.03
C ALA A 203 18.78 -14.05 6.38
N GLY A 204 19.45 -14.87 7.19
CA GLY A 204 19.01 -15.07 8.55
C GLY A 204 19.17 -13.82 9.40
N ALA A 205 20.25 -13.06 9.16
CA ALA A 205 20.43 -11.79 9.85
C ALA A 205 19.40 -10.77 9.39
N ALA A 206 19.12 -10.72 8.09
CA ALA A 206 18.06 -9.85 7.59
C ALA A 206 16.71 -10.23 8.19
N SER A 207 16.48 -11.52 8.39
CA SER A 207 15.25 -11.98 9.02
C SER A 207 15.16 -11.49 10.46
N VAL A 208 16.26 -11.61 11.21
CA VAL A 208 16.30 -11.13 12.58
C VAL A 208 15.93 -9.65 12.63
N GLY A 209 16.51 -8.85 11.73
CA GLY A 209 16.21 -7.43 11.70
C GLY A 209 14.75 -7.15 11.40
N MET A 210 14.13 -7.97 10.55
CA MET A 210 12.72 -7.77 10.23
C MET A 210 11.82 -8.08 11.41
N HIS A 211 12.20 -9.07 12.23
CA HIS A 211 11.47 -9.31 13.47
C HIS A 211 11.63 -8.14 14.44
N LEU A 212 12.80 -7.49 14.44
CA LEU A 212 13.00 -6.29 15.24
C LEU A 212 12.06 -5.17 14.81
N LEU A 213 11.74 -5.10 13.52
CA LEU A 213 10.96 -4.00 12.97
C LEU A 213 9.49 -4.34 12.78
N SER A 214 9.05 -5.52 13.23
CA SER A 214 7.65 -5.93 13.14
C SER A 214 7.12 -6.13 14.56
N PRO A 215 6.20 -5.29 15.01
CA PRO A 215 5.77 -5.32 16.43
C PRO A 215 5.27 -6.68 16.88
N PRO A 216 4.48 -7.42 16.06
CA PRO A 216 4.04 -8.74 16.54
C PRO A 216 5.18 -9.70 16.84
N SER A 217 6.33 -9.53 16.22
CA SER A 217 7.49 -10.37 16.52
C SER A 217 8.31 -9.83 17.69
N ARG A 218 8.28 -8.51 17.91
CA ARG A 218 9.19 -7.87 18.86
C ARG A 218 8.95 -8.34 20.28
N GLY A 219 7.71 -8.72 20.61
CA GLY A 219 7.43 -9.22 21.94
C GLY A 219 7.87 -10.64 22.20
N LEU A 220 8.46 -11.31 21.22
CA LEU A 220 8.83 -12.72 21.34
C LEU A 220 10.32 -12.92 21.62
N PHE A 221 11.10 -11.84 21.72
CA PHE A 221 12.52 -11.96 22.02
C PHE A 221 13.00 -10.65 22.63
N HIS A 222 14.25 -10.65 23.08
CA HIS A 222 14.76 -9.54 23.88
C HIS A 222 16.07 -8.99 23.33
N ARG A 223 16.86 -9.82 22.65
CA ARG A 223 18.13 -9.37 22.10
C ARG A 223 18.31 -9.98 20.73
N ALA A 224 19.21 -9.39 19.94
CA ALA A 224 19.38 -9.78 18.56
C ALA A 224 20.85 -9.75 18.16
N VAL A 225 21.25 -10.72 17.33
CA VAL A 225 22.57 -10.76 16.73
C VAL A 225 22.40 -10.86 15.22
N LEU A 226 23.03 -9.93 14.50
CA LEU A 226 22.93 -9.88 13.04
C LEU A 226 24.33 -10.05 12.46
N GLN A 227 24.59 -11.21 11.86
CA GLN A 227 25.89 -11.54 11.29
C GLN A 227 25.82 -11.41 9.78
N SER A 228 26.58 -10.47 9.22
CA SER A 228 26.73 -10.33 7.77
C SER A 228 25.39 -10.20 7.05
N GLY A 229 24.50 -9.38 7.60
CA GLY A 229 23.20 -9.18 6.98
C GLY A 229 22.40 -8.15 7.75
N ALA A 230 21.47 -7.54 7.04
CA ALA A 230 20.63 -6.49 7.59
C ALA A 230 19.33 -6.45 6.81
N PRO A 231 18.21 -6.11 7.46
CA PRO A 231 16.93 -6.05 6.73
C PRO A 231 16.89 -4.96 5.69
N ASN A 232 17.76 -3.96 5.78
CA ASN A 232 17.80 -2.86 4.84
C ASN A 232 18.73 -3.13 3.66
N GLY A 233 19.25 -4.35 3.52
CA GLY A 233 20.03 -4.71 2.37
C GLY A 233 19.22 -4.58 1.09
N PRO A 234 19.87 -4.15 0.00
CA PRO A 234 19.15 -3.95 -1.27
C PRO A 234 18.60 -5.24 -1.86
N TRP A 235 19.00 -6.41 -1.34
CA TRP A 235 18.54 -7.70 -1.80
C TRP A 235 17.46 -8.31 -0.91
N ALA A 236 17.25 -7.75 0.29
CA ALA A 236 16.49 -8.42 1.33
C ALA A 236 14.98 -8.19 1.24
N THR A 237 14.53 -7.13 0.57
CA THR A 237 13.12 -6.87 0.41
C THR A 237 12.83 -6.50 -1.03
N VAL A 238 11.54 -6.56 -1.39
CA VAL A 238 11.07 -6.21 -2.72
C VAL A 238 9.75 -5.46 -2.58
N GLY A 239 9.49 -4.58 -3.54
CA GLY A 239 8.25 -3.83 -3.53
C GLY A 239 7.07 -4.67 -3.97
N MET A 240 5.87 -4.15 -3.70
CA MET A 240 4.64 -4.89 -4.00
C MET A 240 4.52 -5.15 -5.50
N GLY A 241 4.76 -4.13 -6.32
CA GLY A 241 4.62 -4.30 -7.76
C GLY A 241 5.62 -5.28 -8.34
N GLU A 242 6.88 -5.20 -7.92
CA GLU A 242 7.90 -6.10 -8.45
C GLU A 242 7.67 -7.52 -7.97
N ALA A 243 7.18 -7.70 -6.73
CA ALA A 243 6.83 -9.03 -6.26
C ALA A 243 5.72 -9.64 -7.11
N ARG A 244 4.70 -8.85 -7.44
CA ARG A 244 3.62 -9.34 -8.28
C ARG A 244 4.12 -9.67 -9.70
N ARG A 245 5.01 -8.83 -10.24
CA ARG A 245 5.56 -9.10 -11.57
C ARG A 245 6.34 -10.41 -11.58
N ARG A 246 7.15 -10.66 -10.55
CA ARG A 246 7.93 -11.90 -10.51
C ARG A 246 7.03 -13.12 -10.30
N ALA A 247 6.05 -13.00 -9.41
CA ALA A 247 5.10 -14.10 -9.21
C ALA A 247 4.32 -14.39 -10.48
N THR A 248 3.85 -13.34 -11.15
CA THR A 248 3.09 -13.54 -12.39
C THR A 248 3.95 -14.15 -13.48
N GLN A 249 5.23 -13.75 -13.55
CA GLN A 249 6.11 -14.32 -14.55
C GLN A 249 6.42 -15.78 -14.28
N LEU A 250 6.58 -16.15 -13.00
CA LEU A 250 6.80 -17.55 -12.67
C LEU A 250 5.60 -18.39 -13.08
N ALA A 251 4.39 -17.93 -12.75
CA ALA A 251 3.20 -18.64 -13.17
C ALA A 251 3.13 -18.77 -14.68
N HIS A 252 3.46 -17.70 -15.40
CA HIS A 252 3.46 -17.74 -16.86
C HIS A 252 4.45 -18.78 -17.38
N LEU A 253 5.63 -18.86 -16.76
CA LEU A 253 6.67 -19.78 -17.22
C LEU A 253 6.28 -21.24 -16.99
N VAL A 254 5.38 -21.51 -16.04
CA VAL A 254 4.95 -22.88 -15.76
C VAL A 254 3.53 -23.12 -16.25
N GLY A 255 3.03 -22.26 -17.13
CA GLY A 255 1.75 -22.46 -17.76
C GLY A 255 0.53 -22.00 -16.99
N CYS A 256 0.67 -21.02 -16.11
CA CYS A 256 -0.46 -20.49 -15.38
C CYS A 256 -0.63 -19.01 -15.70
N PRO A 257 -1.85 -18.54 -16.01
CA PRO A 257 -3.01 -19.32 -16.42
C PRO A 257 -2.80 -19.95 -17.79
N PRO A 258 -3.56 -21.01 -18.13
CA PRO A 258 -3.49 -21.59 -19.47
C PRO A 258 -4.33 -20.83 -20.49
N GLY A 262 -1.68 -13.30 -16.21
CA GLY A 262 -2.15 -12.98 -14.87
C GLY A 262 -3.60 -13.32 -14.65
N GLY A 263 -4.42 -12.29 -14.38
CA GLY A 263 -5.84 -12.46 -14.21
C GLY A 263 -6.26 -12.63 -12.76
N ASN A 264 -7.27 -13.47 -12.53
CA ASN A 264 -7.77 -13.73 -11.18
C ASN A 264 -6.66 -14.30 -10.32
N ASP A 265 -6.44 -13.70 -9.15
CA ASP A 265 -5.42 -14.22 -8.23
C ASP A 265 -5.77 -15.59 -7.67
N THR A 266 -7.04 -15.83 -7.37
CA THR A 266 -7.43 -17.13 -6.80
C THR A 266 -7.15 -18.25 -7.79
N GLU A 267 -7.55 -18.04 -9.04
CA GLU A 267 -7.31 -19.00 -10.11
C GLU A 267 -5.82 -19.17 -10.38
N LEU A 268 -5.09 -18.06 -10.35
CA LEU A 268 -3.65 -18.09 -10.62
C LEU A 268 -2.92 -18.97 -9.60
N VAL A 269 -3.19 -18.74 -8.31
CA VAL A 269 -2.52 -19.52 -7.28
C VAL A 269 -2.98 -20.97 -7.33
N ALA A 270 -4.27 -21.20 -7.59
CA ALA A 270 -4.78 -22.56 -7.69
C ALA A 270 -4.05 -23.34 -8.77
N CYS A 271 -3.75 -22.69 -9.90
CA CYS A 271 -2.97 -23.34 -10.95
C CYS A 271 -1.54 -23.61 -10.49
N LEU A 272 -0.91 -22.64 -9.81
CA LEU A 272 0.42 -22.85 -9.29
C LEU A 272 0.48 -24.01 -8.31
N ARG A 273 -0.59 -24.22 -7.53
CA ARG A 273 -0.58 -25.28 -6.53
C ARG A 273 -0.64 -26.66 -7.15
N THR A 274 -1.07 -26.79 -8.40
CA THR A 274 -1.07 -28.08 -9.08
C THR A 274 0.29 -28.46 -9.64
N ARG A 275 1.24 -27.52 -9.68
CA ARG A 275 2.54 -27.80 -10.27
C ARG A 275 3.42 -28.52 -9.25
N PRO A 276 4.20 -29.52 -9.67
CA PRO A 276 5.16 -30.14 -8.76
C PRO A 276 6.15 -29.12 -8.22
N ALA A 277 6.56 -29.32 -6.97
CA ALA A 277 7.45 -28.38 -6.31
C ALA A 277 8.73 -28.18 -7.11
N GLN A 278 9.29 -29.27 -7.64
CA GLN A 278 10.54 -29.17 -8.40
C GLN A 278 10.36 -28.33 -9.66
N VAL A 279 9.15 -28.34 -10.24
CA VAL A 279 8.92 -27.55 -11.45
C VAL A 279 9.02 -26.06 -11.14
N LEU A 280 8.46 -25.64 -9.99
CA LEU A 280 8.61 -24.24 -9.59
C LEU A 280 10.06 -23.88 -9.34
N VAL A 281 10.81 -24.78 -8.68
CA VAL A 281 12.22 -24.52 -8.40
C VAL A 281 13.01 -24.39 -9.70
N ASN A 282 12.70 -25.22 -10.70
CA ASN A 282 13.47 -25.23 -11.93
C ASN A 282 13.33 -23.92 -12.72
N HIS A 283 12.29 -23.13 -12.46
CA HIS A 283 12.07 -21.88 -13.16
C HIS A 283 12.28 -20.66 -12.28
N GLU A 284 12.76 -20.86 -11.03
CA GLU A 284 12.80 -19.77 -10.06
C GLU A 284 13.68 -18.62 -10.55
N TRP A 285 14.88 -18.92 -11.03
CA TRP A 285 15.84 -17.89 -11.36
C TRP A 285 15.50 -17.12 -12.63
N HIS A 286 14.54 -17.59 -13.43
CA HIS A 286 14.24 -16.95 -14.70
C HIS A 286 13.37 -15.70 -14.57
N VAL A 287 12.92 -15.36 -13.36
CA VAL A 287 12.05 -14.21 -13.18
C VAL A 287 12.80 -12.95 -12.76
N LEU A 288 14.11 -13.03 -12.55
CA LEU A 288 14.85 -11.84 -12.16
C LEU A 288 14.92 -10.85 -13.32
N PRO A 289 14.80 -9.55 -13.04
CA PRO A 289 14.74 -8.58 -14.15
C PRO A 289 16.06 -8.37 -14.87
N GLN A 290 17.20 -8.64 -14.22
CA GLN A 290 18.49 -8.36 -14.81
C GLN A 290 19.49 -9.44 -14.42
N GLU A 291 20.47 -9.66 -15.30
CA GLU A 291 21.61 -10.50 -14.98
C GLU A 291 22.39 -9.88 -13.82
N SER A 292 22.56 -10.64 -12.74
CA SER A 292 23.12 -10.06 -11.52
C SER A 292 23.67 -11.15 -10.63
N VAL A 293 24.47 -10.72 -9.66
CA VAL A 293 24.82 -11.51 -8.49
C VAL A 293 24.25 -10.79 -7.27
N PHE A 294 24.01 -11.55 -6.21
CA PHE A 294 23.49 -11.03 -4.95
C PHE A 294 22.06 -10.50 -5.10
N ARG A 295 21.27 -11.10 -6.00
CA ARG A 295 19.85 -10.79 -6.12
C ARG A 295 19.07 -12.11 -6.20
N PHE A 296 17.92 -12.15 -5.54
CA PHE A 296 17.16 -13.38 -5.36
C PHE A 296 15.70 -13.13 -5.68
N SER A 297 15.06 -14.12 -6.30
CA SER A 297 13.77 -13.90 -6.94
C SER A 297 12.68 -13.59 -5.92
N PHE A 298 12.55 -14.43 -4.89
CA PHE A 298 11.42 -14.35 -3.97
C PHE A 298 11.95 -14.05 -2.58
N VAL A 299 11.76 -12.81 -2.13
CA VAL A 299 12.27 -12.31 -0.86
C VAL A 299 11.12 -11.64 -0.12
N PRO A 300 11.29 -11.26 1.15
CA PRO A 300 10.21 -10.54 1.85
C PRO A 300 9.73 -9.33 1.07
N VAL A 301 8.41 -9.11 1.10
CA VAL A 301 7.77 -8.02 0.38
C VAL A 301 7.32 -6.97 1.39
N VAL A 302 7.52 -5.70 1.05
CA VAL A 302 7.06 -4.58 1.86
C VAL A 302 5.64 -4.26 1.41
N ASP A 303 4.65 -4.72 2.17
CA ASP A 303 3.25 -4.56 1.81
C ASP A 303 2.41 -3.93 2.91
N GLY A 304 3.03 -3.37 3.95
CA GLY A 304 2.30 -2.73 5.02
C GLY A 304 1.84 -3.67 6.12
N ASP A 305 1.99 -4.98 5.94
CA ASP A 305 1.53 -5.91 6.95
C ASP A 305 2.65 -6.35 7.85
N PHE A 306 3.45 -7.32 7.49
CA PHE A 306 4.60 -7.68 8.31
C PHE A 306 5.54 -6.49 8.49
N LEU A 307 5.81 -5.77 7.41
CA LEU A 307 6.60 -4.54 7.44
C LEU A 307 5.69 -3.40 7.05
N SER A 308 5.39 -2.50 8.00
CA SER A 308 4.51 -1.37 7.71
C SER A 308 5.18 -0.34 6.81
N ASP A 309 6.50 -0.41 6.67
CA ASP A 309 7.24 0.47 5.77
C ASP A 309 8.50 -0.28 5.36
N THR A 310 9.30 0.35 4.51
CA THR A 310 10.57 -0.24 4.21
C THR A 310 11.37 -0.35 5.51
N PRO A 311 12.30 -1.28 5.55
CA PRO A 311 13.17 -1.40 6.69
C PRO A 311 14.01 -0.15 6.90
N GLU A 312 14.49 0.48 5.86
CA GLU A 312 15.26 1.66 6.05
C GLU A 312 14.46 2.75 6.75
N ALA A 313 13.23 2.95 6.35
CA ALA A 313 12.39 3.91 6.98
C ALA A 313 12.07 3.53 8.39
N LEU A 314 11.80 2.27 8.63
CA LEU A 314 11.47 1.81 9.99
C LEU A 314 12.67 1.91 10.91
N ILE A 315 13.87 1.70 10.38
CA ILE A 315 15.09 1.85 11.18
C ILE A 315 15.31 3.33 11.53
N ASN A 316 15.17 4.21 10.54
CA ASN A 316 15.46 5.63 10.75
C ASN A 316 14.46 6.26 11.71
N ALA A 317 13.24 5.74 11.78
CA ALA A 317 12.16 6.34 12.56
C ALA A 317 11.85 5.58 13.84
N GLY A 318 12.61 4.54 14.18
CA GLY A 318 12.29 3.71 15.32
C GLY A 318 12.89 4.18 16.63
N ASP A 319 12.19 3.86 17.72
CA ASP A 319 12.69 4.03 19.08
C ASP A 319 13.18 2.68 19.58
N PHE A 320 14.48 2.56 19.81
CA PHE A 320 15.11 1.29 20.15
C PHE A 320 15.71 1.28 21.56
N HIS A 321 15.18 2.11 22.46
CA HIS A 321 15.60 2.08 23.84
C HIS A 321 15.25 0.74 24.49
N GLY A 322 16.16 0.23 25.31
CA GLY A 322 15.99 -1.06 25.96
C GLY A 322 16.42 -2.25 25.15
N LEU A 323 16.94 -2.04 23.94
CA LEU A 323 17.37 -3.11 23.07
C LEU A 323 18.90 -3.18 23.04
N GLN A 324 19.42 -4.41 23.13
CA GLN A 324 20.84 -4.67 22.92
C GLN A 324 20.98 -5.52 21.66
N VAL A 325 21.90 -5.13 20.77
CA VAL A 325 22.15 -5.87 19.53
C VAL A 325 23.65 -6.02 19.31
N LEU A 326 24.04 -7.13 18.71
CA LEU A 326 25.42 -7.43 18.31
C LEU A 326 25.43 -7.65 16.81
N VAL A 327 26.22 -6.86 16.09
CA VAL A 327 26.26 -6.93 14.64
C VAL A 327 27.72 -7.04 14.20
N GLY A 328 27.91 -7.55 12.98
CA GLY A 328 29.25 -7.63 12.46
C GLY A 328 29.26 -8.20 11.06
N VAL A 329 30.47 -8.23 10.49
CA VAL A 329 30.71 -8.69 9.12
C VAL A 329 32.00 -9.49 9.11
N VAL A 330 32.21 -10.24 8.02
CA VAL A 330 33.49 -10.90 7.81
C VAL A 330 34.39 -9.92 7.04
N LYS A 331 35.67 -10.29 6.91
CA LYS A 331 36.64 -9.36 6.33
C LYS A 331 36.41 -9.12 4.84
N ASP A 332 35.90 -10.12 4.12
CA ASP A 332 35.77 -10.06 2.66
C ASP A 332 34.37 -10.52 2.27
N GLU A 333 33.38 -9.65 2.49
CA GLU A 333 31.99 -10.02 2.25
C GLU A 333 31.69 -10.25 0.78
N GLY A 334 32.41 -9.58 -0.12
CA GLY A 334 32.06 -9.60 -1.52
C GLY A 334 32.62 -10.76 -2.34
N SER A 335 33.68 -11.39 -1.86
CA SER A 335 34.44 -12.32 -2.70
C SER A 335 33.61 -13.54 -3.09
N TYR A 336 32.87 -14.11 -2.14
CA TYR A 336 32.11 -15.32 -2.41
C TYR A 336 31.18 -15.17 -3.60
N PHE A 337 30.50 -14.02 -3.69
CA PHE A 337 29.47 -13.84 -4.70
C PHE A 337 30.03 -13.55 -6.08
N LEU A 338 31.30 -13.16 -6.18
CA LEU A 338 31.87 -12.80 -7.47
C LEU A 338 32.01 -14.00 -8.39
N VAL A 339 32.30 -15.19 -7.85
CA VAL A 339 32.47 -16.37 -8.69
C VAL A 339 31.15 -16.88 -9.25
N TYR A 340 30.02 -16.30 -8.84
CA TYR A 340 28.70 -16.72 -9.29
C TYR A 340 28.18 -15.87 -10.44
N GLY A 341 29.03 -15.13 -11.13
CA GLY A 341 28.56 -14.39 -12.29
C GLY A 341 29.36 -13.17 -12.71
N ALA A 342 30.29 -12.73 -11.88
CA ALA A 342 31.13 -11.59 -12.27
C ALA A 342 32.11 -12.01 -13.35
N PRO A 343 32.23 -11.25 -14.44
CA PRO A 343 33.10 -11.68 -15.55
C PRO A 343 34.56 -11.77 -15.11
N GLY A 344 35.20 -12.88 -15.47
CA GLY A 344 36.61 -13.08 -15.19
C GLY A 344 36.91 -13.72 -13.84
N PHE A 345 35.88 -14.07 -13.07
CA PHE A 345 36.08 -14.59 -11.72
C PHE A 345 35.90 -16.09 -11.69
N SER A 346 36.73 -16.76 -10.88
CA SER A 346 36.66 -18.19 -10.68
C SER A 346 37.42 -18.53 -9.41
N LYS A 347 36.94 -19.55 -8.71
CA LYS A 347 37.69 -20.06 -7.57
C LYS A 347 38.97 -20.77 -7.98
N ASP A 348 39.11 -21.11 -9.26
CA ASP A 348 40.21 -21.94 -9.73
C ASP A 348 41.31 -21.16 -10.43
N ASN A 349 41.17 -19.84 -10.59
CA ASN A 349 42.28 -19.00 -10.98
C ASN A 349 42.29 -17.75 -10.11
N GLU A 350 43.26 -16.87 -10.34
CA GLU A 350 43.47 -15.72 -9.48
C GLU A 350 42.42 -14.63 -9.67
N SER A 351 41.58 -14.73 -10.71
CA SER A 351 40.53 -13.75 -10.97
C SER A 351 41.09 -12.33 -11.08
N LEU A 352 42.24 -12.22 -11.74
CA LEU A 352 42.87 -10.93 -12.00
C LEU A 352 42.19 -10.32 -13.22
N ILE A 353 41.19 -9.47 -12.96
CA ILE A 353 40.30 -8.99 -14.01
C ILE A 353 40.88 -7.74 -14.66
N SER A 354 40.42 -7.47 -15.87
CA SER A 354 40.78 -6.27 -16.60
C SER A 354 39.86 -5.12 -16.21
N ARG A 355 40.23 -3.92 -16.66
CA ARG A 355 39.39 -2.74 -16.42
C ARG A 355 38.00 -2.92 -17.02
N ALA A 356 37.94 -3.46 -18.24
CA ALA A 356 36.65 -3.70 -18.89
C ALA A 356 35.82 -4.69 -18.09
N GLU A 357 36.46 -5.75 -17.57
CA GLU A 357 35.74 -6.71 -16.74
C GLU A 357 35.28 -6.09 -15.43
N PHE A 358 36.07 -5.17 -14.87
CA PHE A 358 35.65 -4.47 -13.66
C PHE A 358 34.41 -3.63 -13.92
N LEU A 359 34.42 -2.85 -15.01
CA LEU A 359 33.27 -2.03 -15.34
C LEU A 359 32.03 -2.88 -15.60
N ALA A 360 32.21 -4.03 -16.25
CA ALA A 360 31.09 -4.95 -16.45
C ALA A 360 30.62 -5.55 -15.14
N GLY A 361 31.56 -5.86 -14.24
CA GLY A 361 31.19 -6.41 -12.94
C GLY A 361 30.37 -5.45 -12.09
N VAL A 362 30.63 -4.14 -12.24
CA VAL A 362 29.88 -3.16 -11.47
C VAL A 362 28.40 -3.22 -11.79
N ARG A 363 28.05 -3.36 -13.07
CA ARG A 363 26.65 -3.45 -13.46
C ARG A 363 26.01 -4.73 -12.95
N VAL A 364 26.78 -5.80 -12.83
CA VAL A 364 26.23 -7.06 -12.30
C VAL A 364 26.15 -7.01 -10.79
N GLY A 365 27.14 -6.41 -10.12
CA GLY A 365 27.14 -6.33 -8.68
C GLY A 365 26.24 -5.24 -8.13
N VAL A 366 25.92 -4.23 -8.92
CA VAL A 366 24.97 -3.19 -8.52
C VAL A 366 23.86 -3.14 -9.56
N PRO A 367 22.97 -4.12 -9.59
CA PRO A 367 21.97 -4.18 -10.66
C PRO A 367 20.85 -3.17 -10.47
N GLN A 368 20.22 -2.83 -11.58
CA GLN A 368 19.01 -2.01 -11.61
C GLN A 368 19.25 -0.60 -11.06
N VAL A 369 20.38 0.00 -11.45
CA VAL A 369 20.66 1.39 -11.16
C VAL A 369 20.98 2.11 -12.47
N SER A 370 20.77 3.41 -12.47
CA SER A 370 21.00 4.20 -13.68
C SER A 370 22.48 4.21 -14.04
N ASP A 371 22.75 4.59 -15.29
CA ASP A 371 24.14 4.74 -15.74
C ASP A 371 24.89 5.73 -14.86
N LEU A 372 24.23 6.84 -14.49
CA LEU A 372 24.86 7.83 -13.63
C LEU A 372 25.25 7.23 -12.29
N ALA A 373 24.36 6.43 -11.68
CA ALA A 373 24.70 5.76 -10.43
C ALA A 373 25.90 4.85 -10.61
N ALA A 374 25.94 4.09 -11.71
CA ALA A 374 27.08 3.23 -11.97
C ALA A 374 28.37 4.03 -12.13
N GLU A 375 28.29 5.19 -12.79
CA GLU A 375 29.47 6.04 -12.94
C GLU A 375 29.96 6.51 -11.57
N ALA A 376 29.04 6.83 -10.66
CA ALA A 376 29.42 7.21 -9.31
C ALA A 376 30.15 6.08 -8.60
N VAL A 377 29.69 4.83 -8.80
CA VAL A 377 30.37 3.69 -8.20
C VAL A 377 31.79 3.57 -8.74
N VAL A 378 31.94 3.69 -10.06
CA VAL A 378 33.25 3.55 -10.69
C VAL A 378 34.20 4.63 -10.20
N LEU A 379 33.69 5.87 -10.06
CA LEU A 379 34.52 6.97 -9.58
C LEU A 379 35.08 6.68 -8.20
N HIS A 380 34.24 6.23 -7.30
CA HIS A 380 34.65 5.90 -5.99
C HIS A 380 35.61 4.76 -5.76
N TYR A 381 35.43 3.69 -6.49
CA TYR A 381 36.20 2.47 -6.31
C TYR A 381 37.36 2.34 -7.28
N THR A 382 37.62 3.36 -8.09
CA THR A 382 38.81 3.39 -8.94
C THR A 382 39.92 4.15 -8.23
N ASP A 383 41.10 3.54 -8.19
CA ASP A 383 42.32 4.25 -7.83
C ASP A 383 42.85 4.91 -9.09
N TRP A 384 42.74 6.23 -9.17
CA TRP A 384 43.06 6.92 -10.41
C TRP A 384 44.57 7.10 -10.61
N LEU A 385 45.39 6.63 -9.68
CA LEU A 385 46.81 6.46 -9.94
C LEU A 385 47.14 5.07 -10.45
N HIS A 386 46.24 4.10 -10.28
CA HIS A 386 46.40 2.74 -10.78
C HIS A 386 45.07 2.24 -11.34
N PRO A 387 44.53 2.91 -12.35
CA PRO A 387 43.15 2.61 -12.78
C PRO A 387 42.99 1.24 -13.42
N GLU A 388 44.07 0.57 -13.85
CA GLU A 388 43.95 -0.68 -14.58
C GLU A 388 44.71 -1.84 -13.94
N ASP A 389 45.16 -1.69 -12.70
CA ASP A 389 45.87 -2.76 -12.03
C ASP A 389 44.92 -3.94 -11.75
N PRO A 390 45.17 -5.12 -12.31
CA PRO A 390 44.21 -6.22 -12.14
C PRO A 390 43.96 -6.60 -10.68
N ALA A 391 45.02 -6.70 -9.87
CA ALA A 391 44.83 -7.07 -8.47
C ALA A 391 43.98 -6.04 -7.74
N ARG A 392 44.26 -4.75 -7.95
CA ARG A 392 43.47 -3.70 -7.31
C ARG A 392 42.02 -3.73 -7.79
N LEU A 393 41.82 -4.03 -9.08
CA LEU A 393 40.46 -4.09 -9.62
C LEU A 393 39.69 -5.26 -9.02
N ARG A 394 40.34 -6.41 -8.85
CA ARG A 394 39.70 -7.54 -8.19
C ARG A 394 39.29 -7.17 -6.77
N GLU A 395 40.19 -6.56 -6.01
CA GLU A 395 39.86 -6.14 -4.65
C GLU A 395 38.75 -5.09 -4.65
N ALA A 396 38.76 -4.18 -5.64
CA ALA A 396 37.76 -3.12 -5.68
C ALA A 396 36.38 -3.66 -5.95
N LEU A 397 36.23 -4.59 -6.89
CA LEU A 397 34.92 -5.16 -7.18
C LEU A 397 34.39 -5.96 -6.01
N SER A 398 35.27 -6.67 -5.30
CA SER A 398 34.86 -7.34 -4.07
C SER A 398 34.35 -6.33 -3.04
N ASP A 399 35.03 -5.20 -2.90
CA ASP A 399 34.55 -4.14 -2.01
C ASP A 399 33.20 -3.60 -2.47
N VAL A 400 33.05 -3.37 -3.78
CA VAL A 400 31.77 -2.86 -4.31
C VAL A 400 30.63 -3.77 -3.89
N VAL A 401 30.74 -5.07 -4.19
CA VAL A 401 29.67 -6.00 -3.90
C VAL A 401 29.46 -6.13 -2.39
N GLY A 402 30.56 -6.21 -1.63
CA GLY A 402 30.43 -6.39 -0.19
C GLY A 402 29.89 -5.16 0.52
N ASP A 403 30.36 -3.97 0.13
CA ASP A 403 29.87 -2.74 0.76
C ASP A 403 28.39 -2.52 0.44
N HIS A 404 28.01 -2.67 -0.83
CA HIS A 404 26.65 -2.38 -1.26
C HIS A 404 25.65 -3.31 -0.59
N ASN A 405 25.97 -4.59 -0.48
CA ASN A 405 25.00 -5.58 -0.05
C ASN A 405 25.06 -5.94 1.44
N VAL A 406 26.22 -5.80 2.09
CA VAL A 406 26.34 -6.28 3.46
C VAL A 406 26.87 -5.19 4.39
N VAL A 407 28.09 -4.71 4.14
CA VAL A 407 28.79 -3.88 5.13
C VAL A 407 28.01 -2.60 5.41
N CYS A 408 27.64 -1.88 4.36
CA CYS A 408 27.02 -0.57 4.55
C CYS A 408 25.58 -0.68 5.06
N PRO A 409 24.78 -1.67 4.63
CA PRO A 409 23.49 -1.87 5.32
C PRO A 409 23.65 -2.16 6.80
N VAL A 410 24.65 -2.98 7.17
CA VAL A 410 24.88 -3.27 8.59
C VAL A 410 25.34 -2.01 9.32
N ALA A 411 26.23 -1.23 8.70
CA ALA A 411 26.72 -0.01 9.35
C ALA A 411 25.59 1.00 9.55
N GLN A 412 24.70 1.12 8.58
CA GLN A 412 23.57 2.03 8.73
C GLN A 412 22.64 1.58 9.85
N LEU A 413 22.34 0.29 9.90
CA LEU A 413 21.52 -0.23 10.99
C LEU A 413 22.20 -0.01 12.33
N ALA A 414 23.50 -0.31 12.41
CA ALA A 414 24.24 -0.13 13.66
C ALA A 414 24.23 1.34 14.09
N GLY A 415 24.48 2.25 13.15
CA GLY A 415 24.54 3.66 13.51
C GLY A 415 23.19 4.23 13.94
N ARG A 416 22.12 3.84 13.24
CA ARG A 416 20.80 4.37 13.59
C ARG A 416 20.28 3.79 14.89
N LEU A 417 20.45 2.48 15.11
CA LEU A 417 20.02 1.89 16.38
C LEU A 417 20.76 2.52 17.55
N ALA A 418 22.07 2.69 17.43
CA ALA A 418 22.86 3.28 18.51
C ALA A 418 22.42 4.71 18.79
N ALA A 419 22.21 5.50 17.74
CA ALA A 419 21.79 6.89 17.93
C ALA A 419 20.37 7.02 18.45
N GLN A 420 19.57 5.96 18.38
CA GLN A 420 18.16 6.02 18.76
C GLN A 420 17.85 5.11 19.94
N GLY A 421 18.81 4.90 20.83
CA GLY A 421 18.55 4.32 22.14
C GLY A 421 19.05 2.91 22.34
N ALA A 422 19.55 2.24 21.32
CA ALA A 422 19.99 0.86 21.46
C ALA A 422 21.46 0.79 21.89
N ARG A 423 21.79 -0.30 22.59
CA ARG A 423 23.18 -0.64 22.90
C ARG A 423 23.69 -1.60 21.84
N VAL A 424 24.71 -1.17 21.09
CA VAL A 424 25.19 -1.90 19.91
C VAL A 424 26.64 -2.30 20.12
N TYR A 425 26.96 -3.54 19.77
CA TYR A 425 28.34 -4.02 19.70
C TYR A 425 28.62 -4.50 18.28
N ALA A 426 29.76 -4.08 17.73
CA ALA A 426 30.10 -4.38 16.35
C ALA A 426 31.44 -5.09 16.28
N TYR A 427 31.57 -5.99 15.29
CA TYR A 427 32.79 -6.77 15.11
C TYR A 427 33.10 -6.88 13.62
N VAL A 428 34.36 -7.20 13.33
CA VAL A 428 34.77 -7.67 12.01
C VAL A 428 35.53 -8.98 12.22
N PHE A 429 35.05 -10.05 11.59
CA PHE A 429 35.66 -11.36 11.70
C PHE A 429 36.77 -11.49 10.67
N GLU A 430 38.01 -11.67 11.14
CA GLU A 430 39.18 -11.56 10.28
C GLU A 430 40.04 -12.82 10.25
N HIS A 431 39.55 -13.95 10.75
CA HIS A 431 40.32 -15.18 10.75
C HIS A 431 39.93 -16.05 9.57
N ARG A 432 40.93 -16.45 8.79
CA ARG A 432 40.71 -17.39 7.69
C ARG A 432 41.00 -18.80 8.21
N ALA A 433 39.96 -19.64 8.21
CA ALA A 433 40.08 -20.97 8.80
C ALA A 433 41.17 -21.79 8.10
N SER A 434 41.93 -22.53 8.90
CA SER A 434 42.96 -23.41 8.36
C SER A 434 42.38 -24.47 7.44
N THR A 435 41.10 -24.79 7.59
CA THR A 435 40.44 -25.82 6.79
C THR A 435 39.71 -25.25 5.58
N LEU A 436 39.79 -23.95 5.33
CA LEU A 436 38.98 -23.34 4.28
C LEU A 436 39.42 -23.84 2.91
N SER A 437 38.43 -24.27 2.11
CA SER A 437 38.69 -24.85 0.80
C SER A 437 38.66 -23.84 -0.33
N TRP A 438 38.20 -22.62 -0.07
CA TRP A 438 38.19 -21.57 -1.08
C TRP A 438 39.59 -21.03 -1.31
N PRO A 439 39.86 -20.47 -2.49
CA PRO A 439 41.22 -19.98 -2.79
C PRO A 439 41.62 -18.82 -1.88
N LEU A 440 42.93 -18.57 -1.84
CA LEU A 440 43.49 -17.57 -0.93
C LEU A 440 43.04 -16.16 -1.28
N TRP A 441 42.78 -15.87 -2.55
CA TRP A 441 42.43 -14.51 -2.93
C TRP A 441 41.07 -14.08 -2.40
N MET A 442 40.22 -15.03 -2.03
CA MET A 442 38.90 -14.68 -1.50
C MET A 442 38.94 -14.22 -0.05
N GLY A 443 40.08 -14.34 0.62
CA GLY A 443 40.22 -13.83 1.97
C GLY A 443 39.36 -14.61 2.96
N VAL A 444 38.67 -13.87 3.83
CA VAL A 444 37.72 -14.45 4.76
C VAL A 444 36.33 -14.28 4.18
N PRO A 445 35.78 -15.27 3.50
CA PRO A 445 34.54 -15.07 2.73
C PRO A 445 33.31 -15.07 3.62
N HIS A 446 32.23 -14.57 3.03
CA HIS A 446 30.91 -14.55 3.64
C HIS A 446 30.52 -15.94 4.16
N GLY A 447 30.12 -16.01 5.42
CA GLY A 447 29.57 -17.21 5.99
C GLY A 447 30.53 -18.09 6.77
N TYR A 448 31.82 -17.74 6.82
CA TYR A 448 32.82 -18.63 7.40
C TYR A 448 33.25 -18.21 8.80
N GLU A 449 32.49 -17.34 9.45
CA GLU A 449 32.55 -17.18 10.89
C GLU A 449 31.61 -18.12 11.62
N ILE A 450 30.60 -18.64 10.92
CA ILE A 450 29.54 -19.43 11.56
C ILE A 450 30.12 -20.63 12.27
N GLU A 451 31.00 -21.37 11.59
CA GLU A 451 31.55 -22.60 12.18
C GLU A 451 32.27 -22.33 13.49
N PHE A 452 32.85 -21.14 13.66
CA PHE A 452 33.51 -20.80 14.91
C PHE A 452 32.51 -20.41 15.99
N ILE A 453 31.44 -19.70 15.61
CA ILE A 453 30.41 -19.33 16.57
C ILE A 453 29.74 -20.57 17.14
N PHE A 454 29.53 -21.59 16.32
CA PHE A 454 28.90 -22.82 16.76
C PHE A 454 29.89 -23.82 17.36
N GLY A 455 31.18 -23.47 17.44
CA GLY A 455 32.14 -24.35 18.08
C GLY A 455 32.47 -25.60 17.31
N ILE A 456 32.24 -25.63 16.01
CA ILE A 456 32.54 -26.77 15.15
C ILE A 456 33.99 -27.23 15.27
N PRO A 457 34.99 -26.33 15.45
CA PRO A 457 36.37 -26.83 15.64
C PRO A 457 36.55 -27.82 16.79
N LEU A 458 35.61 -27.84 17.73
CA LEU A 458 35.68 -28.79 18.85
C LEU A 458 35.30 -30.21 18.43
N ASP A 459 34.72 -30.38 17.25
CA ASP A 459 34.37 -31.70 16.74
C ASP A 459 35.63 -32.54 16.57
N PRO A 460 35.76 -33.70 17.23
CA PRO A 460 37.00 -34.47 17.13
C PRO A 460 37.32 -34.94 15.73
N SER A 461 36.31 -35.19 14.90
CA SER A 461 36.54 -35.67 13.54
C SER A 461 37.05 -34.58 12.60
N ARG A 462 37.20 -33.34 13.06
CA ARG A 462 37.73 -32.27 12.23
C ARG A 462 39.19 -32.01 12.57
N ASN A 463 39.86 -31.27 11.67
CA ASN A 463 41.30 -31.08 11.73
C ASN A 463 41.69 -29.62 11.98
N TYR A 464 40.87 -28.89 12.74
CA TYR A 464 41.22 -27.53 13.11
C TYR A 464 42.40 -27.53 14.08
N THR A 465 43.15 -26.42 14.08
CA THR A 465 44.30 -26.34 14.96
C THR A 465 43.84 -26.11 16.41
N ALA A 466 44.78 -26.24 17.33
CA ALA A 466 44.46 -26.00 18.73
C ALA A 466 44.15 -24.53 19.00
N GLU A 467 44.85 -23.63 18.31
CA GLU A 467 44.53 -22.20 18.42
C GLU A 467 43.09 -21.94 18.00
N GLU A 468 42.64 -22.60 16.94
CA GLU A 468 41.29 -22.35 16.44
C GLU A 468 40.23 -22.88 17.39
N LYS A 469 40.56 -23.95 18.14
CA LYS A 469 39.65 -24.43 19.17
C LYS A 469 39.54 -23.43 20.32
N ILE A 470 40.68 -22.85 20.72
CA ILE A 470 40.66 -21.78 21.71
C ILE A 470 39.87 -20.58 21.19
N PHE A 471 40.10 -20.23 19.92
CA PHE A 471 39.39 -19.12 19.29
C PHE A 471 37.88 -19.37 19.29
N ALA A 472 37.45 -20.57 18.88
CA ALA A 472 36.03 -20.89 18.87
C ALA A 472 35.42 -20.75 20.25
N GLN A 473 36.12 -21.20 21.29
CA GLN A 473 35.61 -21.09 22.65
C GLN A 473 35.50 -19.62 23.09
N ARG A 474 36.40 -18.77 22.61
CA ARG A 474 36.29 -17.34 22.89
C ARG A 474 35.03 -16.75 22.29
N LEU A 475 34.74 -17.08 21.03
CA LEU A 475 33.59 -16.51 20.35
C LEU A 475 32.28 -17.03 20.94
N MET A 476 32.22 -18.32 21.25
CA MET A 476 31.04 -18.87 21.91
C MET A 476 30.77 -18.15 23.23
N ARG A 477 31.84 -17.78 23.95
CA ARG A 477 31.69 -17.05 25.19
C ARG A 477 31.15 -15.64 24.95
N TYR A 478 31.69 -14.94 23.95
CA TYR A 478 31.16 -13.62 23.60
C TYR A 478 29.67 -13.69 23.28
N TRP A 479 29.28 -14.61 22.40
CA TRP A 479 27.88 -14.72 21.99
C TRP A 479 26.98 -15.06 23.16
N ALA A 480 27.41 -15.98 24.03
CA ALA A 480 26.58 -16.38 25.16
C ALA A 480 26.57 -15.32 26.26
N ASN A 481 27.70 -14.66 26.48
CA ASN A 481 27.72 -13.51 27.37
C ASN A 481 26.70 -12.47 26.94
N PHE A 482 26.64 -12.18 25.63
CA PHE A 482 25.66 -11.24 25.12
C PHE A 482 24.24 -11.76 25.31
N ALA A 483 24.02 -13.06 25.06
CA ALA A 483 22.70 -13.64 25.26
C ALA A 483 22.25 -13.53 26.71
N ARG A 484 23.18 -13.75 27.65
CA ARG A 484 22.81 -13.72 29.06
C ARG A 484 22.60 -12.29 29.56
N THR A 485 23.49 -11.38 29.18
CA THR A 485 23.54 -10.06 29.79
C THR A 485 23.35 -8.89 28.84
N GLY A 486 23.35 -9.13 27.52
CA GLY A 486 23.36 -8.01 26.59
C GLY A 486 24.70 -7.35 26.43
N ASP A 487 25.77 -7.96 26.93
CA ASP A 487 27.12 -7.44 26.93
C ASP A 487 28.08 -8.59 26.74
N PRO A 488 28.85 -8.62 25.64
CA PRO A 488 29.77 -9.75 25.42
C PRO A 488 30.94 -9.78 26.38
N ASN A 489 31.19 -8.71 27.12
CA ASN A 489 32.35 -8.61 28.01
C ASN A 489 32.17 -9.48 29.25
N GLU A 490 33.30 -9.83 29.86
CA GLU A 490 33.36 -10.74 31.00
C GLU A 490 33.01 -10.04 32.31
N PRO A 491 32.03 -10.55 33.07
CA PRO A 491 31.68 -10.02 34.40
C PRO A 491 32.79 -10.21 35.41
N PRO A 497 41.10 -7.36 27.63
CA PRO A 497 40.74 -6.33 26.66
C PRO A 497 39.23 -6.22 26.46
N GLN A 498 38.70 -5.01 26.59
CA GLN A 498 37.26 -4.79 26.60
C GLN A 498 36.73 -4.45 25.22
N TRP A 499 35.47 -4.83 24.98
CA TRP A 499 34.74 -4.60 23.75
C TRP A 499 33.82 -3.40 23.93
N PRO A 500 34.16 -2.23 23.39
CA PRO A 500 33.34 -1.04 23.64
C PRO A 500 32.11 -1.02 22.75
N PRO A 501 31.04 -0.37 23.18
CA PRO A 501 29.83 -0.30 22.34
C PRO A 501 30.06 0.53 21.09
N TYR A 502 29.32 0.19 20.05
CA TYR A 502 29.34 0.95 18.81
C TYR A 502 28.44 2.17 18.94
N THR A 503 28.93 3.32 18.47
CA THR A 503 28.19 4.56 18.50
C THR A 503 28.33 5.26 17.14
N ALA A 504 27.36 6.13 16.84
CA ALA A 504 27.34 6.80 15.55
C ALA A 504 28.55 7.71 15.36
N GLY A 505 29.11 8.23 16.47
CA GLY A 505 30.27 9.10 16.39
C GLY A 505 31.58 8.35 16.36
N ALA A 506 31.90 7.63 17.44
CA ALA A 506 33.18 6.95 17.53
C ALA A 506 33.26 5.76 16.58
N GLN A 507 32.13 5.09 16.32
CA GLN A 507 32.06 3.99 15.36
C GLN A 507 33.07 2.89 15.67
N GLN A 508 33.15 2.52 16.94
CA GLN A 508 34.14 1.56 17.40
C GLN A 508 33.65 0.13 17.23
N TYR A 509 34.54 -0.74 16.74
CA TYR A 509 34.29 -2.16 16.60
C TYR A 509 35.56 -2.91 16.97
N VAL A 510 35.45 -4.22 17.13
CA VAL A 510 36.60 -5.06 17.45
C VAL A 510 36.85 -6.03 16.30
N SER A 511 38.12 -6.39 16.14
CA SER A 511 38.51 -7.43 15.21
C SER A 511 38.52 -8.78 15.94
N LEU A 512 37.92 -9.79 15.30
CA LEU A 512 37.88 -11.14 15.85
C LEU A 512 38.83 -12.01 15.04
N ASP A 513 39.94 -12.39 15.65
CA ASP A 513 40.88 -13.33 15.07
C ASP A 513 41.65 -14.00 16.21
N LEU A 514 42.76 -14.66 15.87
CA LEU A 514 43.53 -15.37 16.88
C LEU A 514 44.22 -14.42 17.86
N ARG A 515 44.47 -13.18 17.46
CA ARG A 515 45.04 -12.18 18.33
C ARG A 515 43.97 -11.66 19.31
N PRO A 516 44.40 -11.02 20.40
CA PRO A 516 43.41 -10.42 21.31
C PRO A 516 42.63 -9.31 20.63
N LEU A 517 41.52 -8.91 21.26
CA LEU A 517 40.64 -7.89 20.71
C LEU A 517 41.43 -6.61 20.41
N GLU A 518 41.22 -6.08 19.21
CA GLU A 518 41.77 -4.80 18.80
C GLU A 518 40.61 -3.89 18.43
N VAL A 519 40.55 -2.72 19.06
CA VAL A 519 39.48 -1.76 18.83
C VAL A 519 39.86 -0.87 17.66
N ARG A 520 38.93 -0.69 16.72
CA ARG A 520 39.15 0.16 15.56
C ARG A 520 37.92 1.01 15.32
N ARG A 521 38.04 1.96 14.39
CA ARG A 521 37.00 2.94 14.12
C ARG A 521 36.52 2.82 12.68
N GLY A 522 35.20 2.84 12.49
CA GLY A 522 34.61 2.95 11.17
C GLY A 522 34.42 1.65 10.43
N LEU A 523 33.16 1.31 10.15
CA LEU A 523 32.83 0.16 9.30
C LEU A 523 32.81 0.65 7.85
N ARG A 524 34.01 0.82 7.30
N ARG A 524 34.01 0.83 7.29
CA ARG A 524 34.22 1.40 5.97
CA ARG A 524 34.19 1.38 5.95
C ARG A 524 33.42 2.69 5.82
C ARG A 524 33.42 2.70 5.82
N ALA A 525 33.75 3.64 6.69
CA ALA A 525 32.98 4.88 6.82
C ALA A 525 32.96 5.67 5.52
N GLN A 526 34.11 5.81 4.86
CA GLN A 526 34.17 6.59 3.62
C GLN A 526 33.31 5.94 2.55
N ALA A 527 33.43 4.62 2.39
CA ALA A 527 32.64 3.92 1.38
C ALA A 527 31.15 3.97 1.72
N CYS A 528 30.81 3.73 2.98
CA CYS A 528 29.40 3.64 3.35
C CYS A 528 28.71 4.99 3.37
N ALA A 529 29.46 6.08 3.53
CA ALA A 529 28.87 7.40 3.32
C ALA A 529 28.33 7.54 1.89
N PHE A 530 29.02 6.93 0.92
CA PHE A 530 28.52 6.96 -0.45
C PHE A 530 27.22 6.17 -0.57
N TRP A 531 27.22 4.92 -0.08
CA TRP A 531 26.04 4.07 -0.25
C TRP A 531 24.88 4.55 0.61
N ASN A 532 25.16 5.01 1.83
CA ASN A 532 24.08 5.31 2.78
C ASN A 532 23.62 6.76 2.75
N ARG A 533 24.48 7.70 2.37
CA ARG A 533 24.13 9.12 2.42
C ARG A 533 23.95 9.76 1.06
N PHE A 534 24.88 9.55 0.12
CA PHE A 534 24.79 10.23 -1.16
C PHE A 534 23.92 9.51 -2.17
N LEU A 535 24.19 8.23 -2.41
CA LEU A 535 23.49 7.50 -3.46
C LEU A 535 21.97 7.56 -3.35
N PRO A 536 21.35 7.49 -2.17
CA PRO A 536 19.89 7.71 -2.12
C PRO A 536 19.46 9.05 -2.68
N LYS A 537 20.22 10.12 -2.44
CA LYS A 537 19.86 11.43 -2.98
C LYS A 537 19.96 11.44 -4.50
N LEU A 538 20.95 10.73 -5.05
CA LEU A 538 21.09 10.66 -6.50
C LEU A 538 19.93 9.93 -7.15
N LEU A 539 19.47 8.83 -6.55
CA LEU A 539 18.41 8.03 -7.15
C LEU A 539 17.08 8.77 -7.17
N SER A 540 16.86 9.69 -6.24
CA SER A 540 15.62 10.46 -6.20
C SER A 540 15.63 11.63 -7.16
N ALA A 541 16.76 11.92 -7.80
CA ALA A 541 16.84 13.01 -8.77
C ALA A 541 17.46 12.53 -10.07
N GLU B 3 -49.43 -10.90 -9.41
CA GLU B 3 -48.31 -10.58 -10.30
C GLU B 3 -48.70 -9.14 -10.79
N ASP B 4 -47.85 -8.14 -10.47
CA ASP B 4 -48.28 -6.75 -10.50
C ASP B 4 -47.80 -6.04 -11.76
N ALA B 5 -48.78 -5.65 -12.59
CA ALA B 5 -48.53 -5.04 -13.88
C ALA B 5 -47.82 -3.70 -13.76
N GLU B 6 -47.97 -3.02 -12.62
CA GLU B 6 -47.27 -1.74 -12.44
C GLU B 6 -45.77 -1.94 -12.35
N LEU B 7 -45.32 -3.12 -11.91
CA LEU B 7 -43.91 -3.41 -11.72
C LEU B 7 -43.30 -4.14 -12.92
N LEU B 8 -44.00 -4.22 -14.04
CA LEU B 8 -43.50 -4.85 -15.24
C LEU B 8 -43.34 -3.77 -16.31
N VAL B 9 -42.14 -3.66 -16.86
CA VAL B 9 -41.83 -2.64 -17.86
C VAL B 9 -41.00 -3.27 -18.97
N THR B 10 -41.29 -2.89 -20.20
CA THR B 10 -40.50 -3.29 -21.36
C THR B 10 -39.72 -2.06 -21.84
N VAL B 11 -38.39 -2.19 -21.84
CA VAL B 11 -37.54 -1.17 -22.43
C VAL B 11 -37.00 -1.73 -23.73
N ARG B 12 -36.13 -0.98 -24.41
CA ARG B 12 -35.67 -1.41 -25.73
C ARG B 12 -34.87 -2.69 -25.66
N GLY B 13 -34.16 -2.93 -24.56
CA GLY B 13 -33.37 -4.15 -24.43
C GLY B 13 -34.16 -5.38 -24.04
N GLY B 14 -35.34 -5.21 -23.44
CA GLY B 14 -36.14 -6.32 -23.00
C GLY B 14 -37.00 -5.95 -21.80
N ARG B 15 -37.46 -6.97 -21.10
CA ARG B 15 -38.44 -6.83 -20.04
C ARG B 15 -37.77 -6.72 -18.67
N LEU B 16 -38.40 -5.94 -17.79
CA LEU B 16 -37.90 -5.70 -16.44
C LEU B 16 -39.01 -5.98 -15.43
N ARG B 17 -38.61 -6.38 -14.24
CA ARG B 17 -39.53 -6.50 -13.10
C ARG B 17 -38.98 -5.66 -11.95
N GLY B 18 -39.80 -4.75 -11.45
CA GLY B 18 -39.42 -3.87 -10.38
C GLY B 18 -40.01 -4.29 -9.05
N ILE B 19 -39.97 -3.38 -8.08
CA ILE B 19 -40.46 -3.65 -6.74
C ILE B 19 -41.25 -2.44 -6.25
N ARG B 20 -42.27 -2.70 -5.43
CA ARG B 20 -43.06 -1.65 -4.81
C ARG B 20 -42.46 -1.32 -3.44
N LEU B 21 -42.08 -0.06 -3.26
CA LEU B 21 -41.47 0.41 -2.03
C LEU B 21 -42.45 1.25 -1.22
N LYS B 22 -42.36 1.15 0.11
CA LYS B 22 -43.18 1.95 1.01
C LYS B 22 -42.48 3.24 1.40
N THR B 23 -43.25 4.32 1.49
CA THR B 23 -42.83 5.59 2.07
C THR B 23 -43.91 6.04 3.04
N PRO B 24 -43.58 6.95 3.96
CA PRO B 24 -44.63 7.50 4.84
C PRO B 24 -45.79 8.12 4.09
N GLY B 25 -45.57 8.63 2.88
CA GLY B 25 -46.61 9.23 2.08
C GLY B 25 -47.30 8.29 1.10
N GLY B 26 -46.95 7.01 1.09
CA GLY B 26 -47.54 6.08 0.15
C GLY B 26 -46.50 5.35 -0.68
N PRO B 27 -46.96 4.45 -1.53
CA PRO B 27 -46.04 3.56 -2.26
C PRO B 27 -45.32 4.26 -3.42
N VAL B 28 -44.24 3.60 -3.83
CA VAL B 28 -43.38 4.07 -4.93
C VAL B 28 -43.00 2.84 -5.75
N SER B 29 -42.91 3.00 -7.07
CA SER B 29 -42.38 1.97 -7.95
C SER B 29 -40.89 2.20 -8.15
N ALA B 30 -40.10 1.15 -7.96
CA ALA B 30 -38.65 1.22 -8.10
C ALA B 30 -38.15 0.14 -9.03
N PHE B 31 -37.23 0.51 -9.93
CA PHE B 31 -36.58 -0.42 -10.85
C PHE B 31 -35.08 -0.25 -10.66
N LEU B 32 -34.49 -1.14 -9.86
CA LEU B 32 -33.11 -1.02 -9.41
C LEU B 32 -32.21 -2.04 -10.10
N GLY B 33 -31.03 -1.58 -10.53
CA GLY B 33 -30.09 -2.47 -11.18
C GLY B 33 -30.42 -2.79 -12.61
N ILE B 34 -30.85 -1.79 -13.39
CA ILE B 34 -31.11 -1.97 -14.81
C ILE B 34 -29.80 -1.86 -15.57
N PRO B 35 -29.38 -2.89 -16.31
CA PRO B 35 -28.13 -2.79 -17.09
C PRO B 35 -28.32 -1.86 -18.29
N PHE B 36 -27.44 -0.86 -18.39
CA PHE B 36 -27.47 0.03 -19.54
C PHE B 36 -26.21 -0.08 -20.40
N ALA B 37 -25.22 -0.84 -19.98
CA ALA B 37 -24.03 -1.08 -20.79
C ALA B 37 -23.59 -2.53 -20.65
N GLU B 38 -22.82 -2.99 -21.62
CA GLU B 38 -22.14 -4.26 -21.48
C GLU B 38 -21.12 -4.17 -20.36
N PRO B 39 -20.93 -5.22 -19.57
CA PRO B 39 -19.95 -5.18 -18.48
C PRO B 39 -18.56 -4.86 -18.99
N PRO B 40 -17.95 -3.79 -18.49
CA PRO B 40 -16.61 -3.38 -18.97
C PRO B 40 -15.49 -4.20 -18.33
N MET B 41 -15.52 -5.51 -18.58
CA MET B 41 -14.58 -6.45 -17.99
C MET B 41 -13.48 -6.84 -18.98
N GLY B 42 -12.38 -7.34 -18.42
CA GLY B 42 -11.29 -7.87 -19.20
C GLY B 42 -10.80 -6.93 -20.28
N PRO B 43 -10.98 -7.33 -21.54
CA PRO B 43 -10.56 -6.46 -22.65
C PRO B 43 -11.29 -5.13 -22.71
N ARG B 44 -12.48 -5.03 -22.11
CA ARG B 44 -13.24 -3.79 -22.14
C ARG B 44 -12.82 -2.80 -21.06
N ARG B 45 -11.91 -3.19 -20.16
CA ARG B 45 -11.45 -2.26 -19.14
C ARG B 45 -10.72 -1.09 -19.78
N PHE B 46 -11.02 0.12 -19.29
CA PHE B 46 -10.52 1.41 -19.74
C PHE B 46 -11.17 1.87 -21.04
N LEU B 47 -12.04 1.06 -21.65
CA LEU B 47 -12.65 1.38 -22.93
C LEU B 47 -13.97 2.10 -22.73
N PRO B 48 -14.40 2.89 -23.72
CA PRO B 48 -15.70 3.54 -23.64
C PRO B 48 -16.81 2.51 -23.45
N PRO B 49 -17.90 2.89 -22.80
CA PRO B 49 -19.00 1.94 -22.58
C PRO B 49 -19.65 1.55 -23.88
N GLU B 50 -20.08 0.31 -23.94
CA GLU B 50 -20.82 -0.21 -25.06
C GLU B 50 -22.27 -0.47 -24.67
N PRO B 51 -23.23 -0.14 -25.52
CA PRO B 51 -24.64 -0.30 -25.15
C PRO B 51 -24.96 -1.74 -24.78
N LYS B 52 -25.82 -1.90 -23.77
CA LYS B 52 -26.24 -3.23 -23.33
C LYS B 52 -27.01 -3.93 -24.44
N GLN B 53 -26.57 -5.13 -24.78
CA GLN B 53 -27.24 -5.89 -25.83
C GLN B 53 -28.57 -6.44 -25.31
N PRO B 54 -29.56 -6.61 -26.19
CA PRO B 54 -30.88 -7.05 -25.74
C PRO B 54 -30.83 -8.42 -25.08
N TRP B 55 -31.78 -8.66 -24.20
CA TRP B 55 -31.88 -9.90 -23.44
C TRP B 55 -33.27 -10.49 -23.61
N SER B 56 -33.36 -11.81 -23.47
CA SER B 56 -34.64 -12.49 -23.41
C SER B 56 -35.00 -12.74 -21.95
N GLY B 57 -36.28 -13.03 -21.72
CA GLY B 57 -36.74 -13.20 -20.37
C GLY B 57 -36.87 -11.86 -19.66
N VAL B 58 -37.01 -11.95 -18.34
CA VAL B 58 -37.29 -10.81 -17.49
C VAL B 58 -36.07 -10.56 -16.60
N VAL B 59 -35.52 -9.36 -16.68
CA VAL B 59 -34.42 -8.97 -15.80
C VAL B 59 -34.99 -8.59 -14.44
N ASP B 60 -34.41 -9.15 -13.38
CA ASP B 60 -34.84 -8.85 -12.02
C ASP B 60 -34.28 -7.50 -11.63
N ALA B 61 -35.14 -6.48 -11.60
CA ALA B 61 -34.72 -5.16 -11.17
C ALA B 61 -35.33 -4.78 -9.82
N THR B 62 -35.07 -5.59 -8.80
CA THR B 62 -35.68 -5.41 -7.49
C THR B 62 -34.65 -5.08 -6.41
N THR B 63 -33.38 -4.95 -6.77
CA THR B 63 -32.35 -4.69 -5.78
C THR B 63 -31.18 -3.99 -6.45
N PHE B 64 -30.46 -3.19 -5.66
CA PHE B 64 -29.30 -2.48 -6.17
C PHE B 64 -28.24 -3.44 -6.66
N GLN B 65 -27.54 -3.06 -7.72
CA GLN B 65 -26.46 -3.86 -8.27
C GLN B 65 -25.13 -3.46 -7.64
N SER B 66 -24.05 -4.07 -8.12
CA SER B 66 -22.74 -3.90 -7.50
C SER B 66 -22.23 -2.46 -7.62
N VAL B 67 -21.37 -2.10 -6.68
CA VAL B 67 -20.68 -0.80 -6.70
C VAL B 67 -19.43 -0.93 -7.56
N CYS B 68 -19.16 0.10 -8.37
CA CYS B 68 -17.94 0.10 -9.17
C CYS B 68 -16.72 0.07 -8.26
N TYR B 69 -15.68 -0.66 -8.70
CA TYR B 69 -14.49 -0.84 -7.89
C TYR B 69 -13.89 0.50 -7.46
N GLN B 70 -13.60 0.62 -6.17
CA GLN B 70 -13.16 1.90 -5.63
C GLN B 70 -12.47 1.70 -4.29
N TYR B 71 -11.66 2.68 -3.93
CA TYR B 71 -11.06 2.77 -2.61
C TYR B 71 -12.15 2.83 -1.53
N VAL B 72 -11.88 2.17 -0.41
CA VAL B 72 -12.79 2.15 0.73
C VAL B 72 -12.13 2.92 1.88
N ASP B 73 -12.83 3.95 2.37
CA ASP B 73 -12.25 4.82 3.39
C ASP B 73 -12.08 4.07 4.71
N THR B 74 -10.93 4.27 5.35
CA THR B 74 -10.62 3.63 6.63
C THR B 74 -10.13 4.62 7.67
N LEU B 75 -10.40 5.92 7.49
CA LEU B 75 -9.89 6.92 8.42
C LEU B 75 -10.49 6.75 9.81
N TYR B 76 -11.80 6.55 9.89
CA TYR B 76 -12.50 6.34 11.16
C TYR B 76 -13.37 5.10 11.01
N PRO B 77 -12.82 3.91 11.18
CA PRO B 77 -13.60 2.68 10.98
C PRO B 77 -14.81 2.63 11.90
N GLY B 78 -15.98 2.35 11.31
CA GLY B 78 -17.23 2.29 12.04
C GLY B 78 -17.91 3.62 12.29
N PHE B 79 -17.28 4.74 11.95
CA PHE B 79 -17.85 6.06 12.19
C PHE B 79 -18.91 6.37 11.15
N GLU B 80 -20.09 6.76 11.61
CA GLU B 80 -21.20 7.03 10.69
C GLU B 80 -20.85 8.11 9.67
N GLY B 81 -20.10 9.14 10.09
CA GLY B 81 -19.82 10.25 9.21
C GLY B 81 -19.06 9.87 7.96
N THR B 82 -18.22 8.84 8.04
CA THR B 82 -17.48 8.36 6.89
C THR B 82 -18.09 7.12 6.25
N GLU B 83 -18.65 6.21 7.06
CA GLU B 83 -19.19 4.97 6.51
C GLU B 83 -20.39 5.20 5.62
N MET B 84 -21.12 6.31 5.82
CA MET B 84 -22.28 6.60 5.00
C MET B 84 -21.91 6.85 3.54
N TRP B 85 -20.64 7.10 3.25
CA TRP B 85 -20.15 7.30 1.89
C TRP B 85 -19.48 6.07 1.31
N ASN B 86 -19.22 5.05 2.12
CA ASN B 86 -18.52 3.85 1.67
C ASN B 86 -19.47 2.92 0.93
N PRO B 87 -18.94 2.01 0.10
CA PRO B 87 -19.81 1.09 -0.64
C PRO B 87 -20.68 0.26 0.30
N ASN B 88 -21.95 0.14 -0.07
CA ASN B 88 -22.90 -0.72 0.63
C ASN B 88 -23.36 -1.95 -0.17
N ARG B 89 -22.67 -2.25 -1.21
CA ARG B 89 -22.86 -3.42 -2.02
C ARG B 89 -21.49 -3.87 -2.41
N GLU B 90 -21.41 -5.08 -2.88
CA GLU B 90 -20.15 -5.66 -3.27
C GLU B 90 -19.48 -4.91 -4.41
N LEU B 91 -18.17 -4.81 -4.40
CA LEU B 91 -17.46 -4.21 -5.46
C LEU B 91 -17.36 -5.09 -6.68
N SER B 92 -17.47 -4.50 -7.85
CA SER B 92 -17.31 -5.27 -9.09
C SER B 92 -17.05 -4.30 -10.24
N GLU B 93 -16.27 -4.75 -11.23
CA GLU B 93 -16.18 -4.00 -12.48
C GLU B 93 -17.46 -4.13 -13.31
N ASP B 94 -18.26 -5.17 -13.05
CA ASP B 94 -19.59 -5.32 -13.63
C ASP B 94 -20.54 -4.47 -12.80
N CYS B 95 -20.58 -3.17 -13.12
CA CYS B 95 -21.27 -2.21 -12.26
C CYS B 95 -22.08 -1.19 -13.03
N LEU B 96 -22.18 -1.30 -14.35
CA LEU B 96 -22.84 -0.26 -15.15
C LEU B 96 -24.34 -0.54 -15.17
N TYR B 97 -24.99 -0.14 -14.09
CA TYR B 97 -26.44 -0.27 -13.92
C TYR B 97 -27.00 1.06 -13.46
N LEU B 98 -28.29 1.26 -13.73
CA LEU B 98 -28.98 2.47 -13.30
C LEU B 98 -30.29 2.08 -12.62
N ASN B 99 -30.92 3.08 -12.00
CA ASN B 99 -32.11 2.87 -11.19
C ASN B 99 -33.16 3.90 -11.56
N VAL B 100 -34.43 3.47 -11.53
CA VAL B 100 -35.56 4.35 -11.85
C VAL B 100 -36.57 4.25 -10.72
N TRP B 101 -36.89 5.39 -10.10
CA TRP B 101 -38.00 5.51 -9.17
C TRP B 101 -39.12 6.27 -9.86
N THR B 102 -40.36 5.82 -9.66
CA THR B 102 -41.52 6.45 -10.28
C THR B 102 -42.70 6.32 -9.34
N PRO B 103 -43.69 7.22 -9.43
CA PRO B 103 -44.85 7.11 -8.55
C PRO B 103 -45.63 5.82 -8.80
N TYR B 104 -46.41 5.43 -7.80
CA TYR B 104 -47.24 4.23 -7.86
C TYR B 104 -48.70 4.64 -7.77
N PRO B 105 -49.54 4.32 -8.76
CA PRO B 105 -49.15 3.55 -9.95
C PRO B 105 -48.31 4.37 -10.92
N ARG B 106 -47.68 3.70 -11.89
CA ARG B 106 -46.82 4.39 -12.82
C ARG B 106 -47.58 5.52 -13.51
N PRO B 107 -46.96 6.66 -13.74
CA PRO B 107 -47.68 7.78 -14.36
C PRO B 107 -48.11 7.45 -15.78
N THR B 108 -49.33 7.90 -16.11
CA THR B 108 -49.88 7.74 -17.44
C THR B 108 -49.48 8.88 -18.38
N SER B 109 -49.23 10.07 -17.83
CA SER B 109 -48.82 11.22 -18.63
C SER B 109 -47.38 11.60 -18.31
N PRO B 110 -46.68 12.23 -19.26
CA PRO B 110 -45.25 12.53 -19.05
C PRO B 110 -45.01 13.40 -17.82
N THR B 111 -44.09 12.96 -16.96
CA THR B 111 -43.70 13.65 -15.75
C THR B 111 -42.23 14.04 -15.81
N PRO B 112 -41.86 15.19 -15.26
CA PRO B 112 -40.47 15.63 -15.33
C PRO B 112 -39.52 14.63 -14.69
N VAL B 113 -38.32 14.54 -15.26
CA VAL B 113 -37.32 13.53 -14.89
C VAL B 113 -36.17 14.22 -14.18
N LEU B 114 -35.76 13.67 -13.05
CA LEU B 114 -34.56 14.09 -12.34
C LEU B 114 -33.51 12.99 -12.46
N VAL B 115 -32.29 13.36 -12.85
CA VAL B 115 -31.19 12.42 -13.02
C VAL B 115 -30.06 12.81 -12.07
N TRP B 116 -29.71 11.90 -11.16
CA TRP B 116 -28.72 12.14 -10.13
C TRP B 116 -27.37 11.55 -10.54
N ILE B 117 -26.31 12.34 -10.36
CA ILE B 117 -24.94 11.88 -10.57
C ILE B 117 -24.21 12.05 -9.24
N TYR B 118 -23.81 10.94 -8.63
CA TYR B 118 -23.20 11.02 -7.31
C TYR B 118 -21.78 11.58 -7.40
N GLY B 119 -21.32 12.11 -6.28
CA GLY B 119 -19.94 12.54 -6.13
C GLY B 119 -19.07 11.47 -5.51
N GLY B 120 -17.91 11.88 -5.10
CA GLY B 120 -16.90 11.06 -4.54
C GLY B 120 -15.55 11.20 -5.16
N GLY B 121 -15.23 12.43 -5.52
CA GLY B 121 -13.92 12.80 -6.01
C GLY B 121 -13.48 12.08 -7.27
N PHE B 122 -14.43 11.55 -8.05
CA PHE B 122 -14.17 10.71 -9.22
C PHE B 122 -13.43 9.42 -8.88
N TYR B 123 -13.23 9.13 -7.59
CA TYR B 123 -12.59 7.90 -7.16
C TYR B 123 -13.52 6.97 -6.38
N SER B 124 -14.73 7.41 -6.06
CA SER B 124 -15.64 6.63 -5.22
C SER B 124 -17.06 7.05 -5.50
N GLY B 125 -17.99 6.43 -4.78
CA GLY B 125 -19.41 6.75 -4.91
C GLY B 125 -20.23 5.59 -5.44
N ALA B 126 -21.54 5.66 -5.24
CA ALA B 126 -22.46 4.62 -5.69
C ALA B 126 -23.87 5.18 -5.64
N SER B 127 -24.69 4.74 -6.60
CA SER B 127 -26.09 5.16 -6.62
C SER B 127 -26.94 4.44 -5.57
N SER B 128 -26.36 3.46 -4.87
CA SER B 128 -27.09 2.65 -3.91
C SER B 128 -26.99 3.16 -2.48
N LEU B 129 -26.23 4.24 -2.24
CA LEU B 129 -26.08 4.75 -0.88
C LEU B 129 -27.43 5.19 -0.32
N ASP B 130 -27.62 4.97 0.98
CA ASP B 130 -28.88 5.30 1.63
C ASP B 130 -29.27 6.77 1.42
N VAL B 131 -28.27 7.66 1.40
CA VAL B 131 -28.55 9.08 1.31
C VAL B 131 -29.03 9.50 -0.08
N TYR B 132 -28.93 8.61 -1.08
CA TYR B 132 -29.43 8.90 -2.42
C TYR B 132 -30.75 8.18 -2.71
N ASP B 133 -31.44 7.69 -1.68
CA ASP B 133 -32.70 6.99 -1.88
C ASP B 133 -33.75 7.93 -2.47
N GLY B 134 -34.20 7.62 -3.68
CA GLY B 134 -35.10 8.48 -4.41
C GLY B 134 -36.58 8.33 -4.10
N ARG B 135 -36.96 7.48 -3.15
CA ARG B 135 -38.37 7.20 -2.93
C ARG B 135 -39.14 8.39 -2.38
N PHE B 136 -38.50 9.24 -1.57
CA PHE B 136 -39.22 10.35 -0.95
C PHE B 136 -39.45 11.49 -1.93
N LEU B 137 -38.44 11.80 -2.75
CA LEU B 137 -38.60 12.84 -3.76
C LEU B 137 -39.70 12.49 -4.75
N VAL B 138 -39.72 11.22 -5.19
CA VAL B 138 -40.69 10.80 -6.20
C VAL B 138 -42.10 10.87 -5.65
N GLN B 139 -42.31 10.38 -4.42
CA GLN B 139 -43.65 10.40 -3.84
C GLN B 139 -44.10 11.82 -3.55
N ALA B 140 -43.22 12.65 -2.98
CA ALA B 140 -43.64 13.98 -2.53
C ALA B 140 -43.85 14.92 -3.70
N GLU B 141 -42.99 14.86 -4.71
CA GLU B 141 -43.00 15.85 -5.77
C GLU B 141 -43.44 15.33 -7.12
N ARG B 142 -43.89 14.08 -7.20
CA ARG B 142 -44.40 13.48 -8.44
C ARG B 142 -43.42 13.67 -9.60
N THR B 143 -42.21 13.18 -9.43
CA THR B 143 -41.21 13.15 -10.49
C THR B 143 -40.75 11.72 -10.71
N VAL B 144 -40.12 11.50 -11.86
CA VAL B 144 -39.34 10.29 -12.10
C VAL B 144 -37.90 10.60 -11.78
N LEU B 145 -37.26 9.75 -10.98
CA LEU B 145 -35.86 9.95 -10.61
C LEU B 145 -35.03 8.80 -11.15
N VAL B 146 -33.92 9.15 -11.81
CA VAL B 146 -32.97 8.19 -12.36
C VAL B 146 -31.61 8.46 -11.74
N SER B 147 -30.90 7.40 -11.38
CA SER B 147 -29.51 7.50 -10.98
C SER B 147 -28.74 6.34 -11.59
N MET B 148 -27.48 6.59 -11.92
CA MET B 148 -26.65 5.59 -12.57
C MET B 148 -25.34 5.41 -11.82
N ASN B 149 -24.77 4.22 -11.95
CA ASN B 149 -23.39 3.99 -11.56
C ASN B 149 -22.49 4.31 -12.75
N TYR B 150 -21.33 4.89 -12.47
CA TYR B 150 -20.34 5.16 -13.49
C TYR B 150 -18.97 4.82 -12.93
N ARG B 151 -18.07 4.41 -13.81
CA ARG B 151 -16.76 3.95 -13.38
C ARG B 151 -15.96 5.09 -12.78
N VAL B 152 -15.24 4.79 -11.70
CA VAL B 152 -14.45 5.78 -10.97
C VAL B 152 -13.01 5.28 -10.88
N GLY B 153 -12.15 6.14 -10.35
CA GLY B 153 -10.75 5.79 -10.21
C GLY B 153 -10.10 5.53 -11.55
N ALA B 154 -9.10 4.65 -11.54
CA ALA B 154 -8.41 4.30 -12.78
C ALA B 154 -9.37 3.70 -13.79
N PHE B 155 -10.37 2.93 -13.32
CA PHE B 155 -11.28 2.25 -14.24
C PHE B 155 -12.11 3.23 -15.04
N GLY B 156 -12.34 4.44 -14.52
CA GLY B 156 -13.15 5.40 -15.23
C GLY B 156 -12.37 6.53 -15.85
N PHE B 157 -11.14 6.79 -15.37
CA PHE B 157 -10.46 8.01 -15.77
C PHE B 157 -8.95 7.86 -15.97
N LEU B 158 -8.40 6.64 -15.95
CA LEU B 158 -7.02 6.47 -16.40
C LEU B 158 -6.93 6.82 -17.87
N ALA B 159 -6.00 7.68 -18.22
CA ALA B 159 -5.88 8.19 -19.58
C ALA B 159 -4.43 8.12 -20.05
N LEU B 160 -4.22 7.47 -21.19
CA LEU B 160 -3.02 7.63 -22.00
C LEU B 160 -3.43 8.40 -23.24
N PRO B 161 -3.43 9.74 -23.20
CA PRO B 161 -4.09 10.52 -24.24
C PRO B 161 -3.55 10.21 -25.63
N GLY B 162 -4.47 10.14 -26.60
CA GLY B 162 -4.17 9.74 -27.95
C GLY B 162 -4.25 8.25 -28.22
N SER B 163 -4.24 7.43 -27.18
CA SER B 163 -4.31 5.98 -27.34
C SER B 163 -5.75 5.51 -27.43
N ARG B 164 -5.97 4.45 -28.21
CA ARG B 164 -7.30 3.88 -28.29
C ARG B 164 -7.59 2.99 -27.09
N GLU B 165 -6.54 2.37 -26.53
CA GLU B 165 -6.73 1.39 -25.46
C GLU B 165 -7.10 2.05 -24.14
N ALA B 166 -6.72 3.31 -23.93
CA ALA B 166 -7.05 4.03 -22.70
C ALA B 166 -7.25 5.50 -23.02
N PRO B 167 -8.35 5.85 -23.69
CA PRO B 167 -8.54 7.25 -24.11
C PRO B 167 -8.87 8.19 -22.97
N GLY B 168 -9.39 7.69 -21.85
CA GLY B 168 -9.79 8.53 -20.74
C GLY B 168 -11.23 9.00 -20.86
N ASN B 169 -11.73 9.54 -19.74
CA ASN B 169 -13.07 10.11 -19.63
C ASN B 169 -14.18 9.09 -19.85
N VAL B 170 -13.87 7.79 -19.76
CA VAL B 170 -14.90 6.80 -20.04
C VAL B 170 -15.96 6.77 -18.94
N GLY B 171 -15.58 7.14 -17.70
CA GLY B 171 -16.57 7.32 -16.66
C GLY B 171 -17.58 8.40 -16.99
N LEU B 172 -17.13 9.45 -17.68
CA LEU B 172 -18.06 10.47 -18.17
C LEU B 172 -18.93 9.91 -19.29
N LEU B 173 -18.37 9.05 -20.13
CA LEU B 173 -19.14 8.41 -21.19
C LEU B 173 -20.15 7.41 -20.62
N ASP B 174 -19.83 6.79 -19.48
CA ASP B 174 -20.82 5.99 -18.77
C ASP B 174 -22.04 6.83 -18.43
N GLN B 175 -21.81 8.03 -17.88
CA GLN B 175 -22.91 8.93 -17.56
C GLN B 175 -23.69 9.32 -18.81
N ARG B 176 -22.99 9.65 -19.90
CA ARG B 176 -23.66 10.04 -21.12
C ARG B 176 -24.51 8.91 -21.67
N LEU B 177 -23.99 7.68 -21.66
CA LEU B 177 -24.75 6.53 -22.13
C LEU B 177 -26.03 6.35 -21.31
N ALA B 178 -25.93 6.53 -19.98
CA ALA B 178 -27.13 6.48 -19.15
C ALA B 178 -28.12 7.58 -19.52
N LEU B 179 -27.61 8.77 -19.84
CA LEU B 179 -28.47 9.85 -20.29
C LEU B 179 -29.12 9.51 -21.62
N GLN B 180 -28.37 8.87 -22.53
CA GLN B 180 -28.98 8.39 -23.77
C GLN B 180 -30.01 7.32 -23.50
N TRP B 181 -29.74 6.45 -22.51
CA TRP B 181 -30.72 5.45 -22.11
C TRP B 181 -32.00 6.11 -21.63
N VAL B 182 -31.87 7.20 -20.88
CA VAL B 182 -33.04 7.92 -20.39
C VAL B 182 -33.86 8.46 -21.55
N GLN B 183 -33.19 9.07 -22.54
CA GLN B 183 -33.90 9.60 -23.71
C GLN B 183 -34.70 8.52 -24.41
N GLU B 184 -34.12 7.32 -24.55
CA GLU B 184 -34.77 6.27 -25.31
C GLU B 184 -35.81 5.49 -24.50
N ASN B 185 -35.67 5.42 -23.17
CA ASN B 185 -36.44 4.47 -22.39
C ASN B 185 -37.27 5.06 -21.26
N VAL B 186 -37.05 6.32 -20.85
CA VAL B 186 -37.72 6.81 -19.65
C VAL B 186 -39.23 6.94 -19.86
N ALA B 187 -39.69 7.08 -21.10
CA ALA B 187 -41.12 7.19 -21.34
C ALA B 187 -41.86 5.92 -20.96
N ALA B 188 -41.20 4.76 -21.06
CA ALA B 188 -41.83 3.51 -20.66
C ALA B 188 -42.17 3.49 -19.18
N PHE B 189 -41.52 4.30 -18.37
CA PHE B 189 -41.80 4.43 -16.95
C PHE B 189 -42.73 5.59 -16.63
N GLY B 190 -43.16 6.35 -17.64
CA GLY B 190 -43.96 7.54 -17.43
C GLY B 190 -43.18 8.83 -17.41
N GLY B 191 -41.87 8.79 -17.60
CA GLY B 191 -41.07 10.01 -17.57
C GLY B 191 -41.10 10.75 -18.89
N ASP B 192 -40.86 12.06 -18.81
CA ASP B 192 -40.86 12.93 -19.96
C ASP B 192 -39.43 13.14 -20.44
N PRO B 193 -39.00 12.54 -21.55
CA PRO B 193 -37.63 12.75 -22.02
C PRO B 193 -37.34 14.17 -22.48
N THR B 194 -38.37 15.00 -22.68
CA THR B 194 -38.17 16.39 -23.06
C THR B 194 -38.08 17.32 -21.85
N SER B 195 -38.07 16.77 -20.63
CA SER B 195 -37.92 17.56 -19.40
C SER B 195 -37.02 16.76 -18.46
N VAL B 196 -35.72 16.80 -18.71
CA VAL B 196 -34.72 16.07 -17.92
C VAL B 196 -33.84 17.10 -17.23
N THR B 197 -33.74 17.01 -15.91
CA THR B 197 -32.93 17.90 -15.09
C THR B 197 -31.81 17.10 -14.46
N LEU B 198 -30.57 17.45 -14.80
CA LEU B 198 -29.41 16.86 -14.16
C LEU B 198 -29.15 17.53 -12.82
N PHE B 199 -28.84 16.72 -11.81
CA PHE B 199 -28.33 17.29 -10.57
C PHE B 199 -27.36 16.32 -9.93
N GLY B 200 -26.34 16.89 -9.28
CA GLY B 200 -25.27 16.13 -8.67
C GLY B 200 -24.55 16.99 -7.67
N GLU B 201 -23.74 16.34 -6.85
CA GLU B 201 -23.03 17.00 -5.76
C GLU B 201 -21.56 16.62 -5.81
N SER B 202 -20.70 17.59 -5.47
CA SER B 202 -19.25 17.39 -5.42
C SER B 202 -18.78 17.00 -6.83
N ALA B 203 -18.09 15.88 -7.00
CA ALA B 203 -17.69 15.45 -8.34
C ALA B 203 -18.89 15.18 -9.23
N GLY B 204 -20.05 14.87 -8.65
CA GLY B 204 -21.26 14.77 -9.45
C GLY B 204 -21.68 16.11 -10.02
N ALA B 205 -21.51 17.19 -9.24
CA ALA B 205 -21.78 18.52 -9.76
C ALA B 205 -20.76 18.90 -10.84
N ALA B 206 -19.48 18.57 -10.62
CA ALA B 206 -18.49 18.77 -11.66
C ALA B 206 -18.84 17.99 -12.92
N SER B 207 -19.40 16.79 -12.76
CA SER B 207 -19.84 16.00 -13.91
C SER B 207 -20.97 16.70 -14.65
N VAL B 208 -21.96 17.21 -13.90
CA VAL B 208 -23.07 17.93 -14.52
C VAL B 208 -22.53 19.10 -15.35
N GLY B 209 -21.60 19.87 -14.77
CA GLY B 209 -21.04 20.99 -15.51
C GLY B 209 -20.30 20.58 -16.75
N MET B 210 -19.63 19.41 -16.73
CA MET B 210 -18.93 18.95 -17.91
C MET B 210 -19.88 18.50 -19.01
N HIS B 211 -21.03 17.93 -18.63
CA HIS B 211 -22.06 17.65 -19.63
C HIS B 211 -22.62 18.94 -20.22
N LEU B 212 -22.70 20.00 -19.42
CA LEU B 212 -23.11 21.30 -19.93
C LEU B 212 -22.14 21.81 -20.99
N LEU B 213 -20.86 21.48 -20.85
CA LEU B 213 -19.82 22.03 -21.73
C LEU B 213 -19.40 21.08 -22.84
N SER B 214 -20.06 19.94 -22.97
CA SER B 214 -19.76 18.98 -24.04
C SER B 214 -20.99 18.84 -24.95
N PRO B 215 -20.90 19.30 -26.19
CA PRO B 215 -22.10 19.37 -27.06
C PRO B 215 -22.84 18.04 -27.20
N PRO B 216 -22.14 16.90 -27.35
CA PRO B 216 -22.89 15.63 -27.46
C PRO B 216 -23.76 15.33 -26.25
N SER B 217 -23.42 15.85 -25.06
CA SER B 217 -24.26 15.66 -23.89
C SER B 217 -25.34 16.72 -23.75
N ARG B 218 -25.17 17.89 -24.38
N ARG B 218 -25.18 17.88 -24.33
CA ARG B 218 -26.06 19.02 -24.16
CA ARG B 218 -26.13 18.96 -24.14
C ARG B 218 -27.47 18.75 -24.67
C ARG B 218 -27.51 18.62 -24.60
N GLY B 219 -27.61 17.87 -25.66
CA GLY B 219 -28.92 17.52 -26.17
C GLY B 219 -29.66 16.48 -25.37
N LEU B 220 -29.08 15.97 -24.30
CA LEU B 220 -29.67 14.89 -23.52
C LEU B 220 -30.36 15.37 -22.25
N PHE B 221 -30.36 16.66 -21.97
CA PHE B 221 -31.02 17.20 -20.79
C PHE B 221 -31.32 18.68 -21.03
N HIS B 222 -32.04 19.29 -20.08
CA HIS B 222 -32.59 20.61 -20.31
C HIS B 222 -32.24 21.59 -19.19
N ARG B 223 -32.03 21.08 -17.98
CA ARG B 223 -31.69 21.93 -16.84
C ARG B 223 -30.62 21.23 -16.00
N ALA B 224 -29.95 22.02 -15.16
CA ALA B 224 -28.81 21.51 -14.40
C ALA B 224 -28.80 22.09 -13.00
N VAL B 225 -28.43 21.25 -12.04
CA VAL B 225 -28.22 21.65 -10.65
C VAL B 225 -26.84 21.21 -10.23
N LEU B 226 -26.03 22.15 -9.74
CA LEU B 226 -24.66 21.89 -9.31
C LEU B 226 -24.54 22.21 -7.83
N GLN B 227 -24.42 21.17 -7.00
CA GLN B 227 -24.33 21.32 -5.56
C GLN B 227 -22.88 21.09 -5.12
N SER B 228 -22.25 22.15 -4.59
CA SER B 228 -20.92 22.06 -3.98
C SER B 228 -19.89 21.45 -4.94
N GLY B 229 -19.90 21.91 -6.17
CA GLY B 229 -18.97 21.42 -7.16
C GLY B 229 -19.13 22.15 -8.47
N ALA B 230 -18.05 22.16 -9.25
CA ALA B 230 -18.03 22.87 -10.52
C ALA B 230 -16.97 22.23 -11.41
N PRO B 231 -17.19 22.20 -12.72
CA PRO B 231 -16.18 21.59 -13.62
C PRO B 231 -14.87 22.35 -13.67
N ASN B 232 -14.87 23.63 -13.29
CA ASN B 232 -13.67 24.45 -13.29
C ASN B 232 -12.91 24.39 -11.97
N GLY B 233 -13.28 23.50 -11.06
CA GLY B 233 -12.53 23.29 -9.85
C GLY B 233 -11.12 22.81 -10.15
N PRO B 234 -10.15 23.24 -9.34
CA PRO B 234 -8.74 22.86 -9.60
C PRO B 234 -8.49 21.37 -9.45
N TRP B 235 -9.43 20.61 -8.91
CA TRP B 235 -9.32 19.17 -8.74
C TRP B 235 -10.07 18.37 -9.79
N ALA B 236 -10.92 19.02 -10.58
CA ALA B 236 -11.90 18.32 -11.40
C ALA B 236 -11.37 17.87 -12.76
N THR B 237 -10.30 18.48 -13.25
CA THR B 237 -9.71 18.08 -14.52
C THR B 237 -8.20 17.99 -14.38
N VAL B 238 -7.59 17.33 -15.35
CA VAL B 238 -6.14 17.18 -15.40
C VAL B 238 -5.70 17.33 -16.84
N GLY B 239 -4.47 17.82 -17.03
CA GLY B 239 -3.91 17.97 -18.36
C GLY B 239 -3.45 16.64 -18.94
N MET B 240 -3.23 16.67 -20.26
CA MET B 240 -2.83 15.44 -20.97
C MET B 240 -1.49 14.92 -20.46
N GLY B 241 -0.52 15.81 -20.28
CA GLY B 241 0.80 15.37 -19.84
C GLY B 241 0.78 14.78 -18.44
N GLU B 242 0.06 15.41 -17.52
CA GLU B 242 -0.01 14.90 -16.15
C GLU B 242 -0.82 13.62 -16.09
N ALA B 243 -1.88 13.51 -16.90
CA ALA B 243 -2.64 12.26 -16.96
C ALA B 243 -1.76 11.11 -17.43
N ARG B 244 -0.93 11.35 -18.45
CA ARG B 244 -0.03 10.30 -18.93
C ARG B 244 0.99 9.94 -17.86
N ARG B 245 1.50 10.93 -17.13
CA ARG B 245 2.47 10.64 -16.07
C ARG B 245 1.84 9.79 -14.98
N ARG B 246 0.60 10.10 -14.59
CA ARG B 246 -0.05 9.34 -13.52
C ARG B 246 -0.37 7.92 -13.98
N ALA B 247 -0.85 7.76 -15.21
CA ALA B 247 -1.10 6.42 -15.75
C ALA B 247 0.18 5.61 -15.83
N THR B 248 1.26 6.23 -16.30
CA THR B 248 2.55 5.53 -16.40
C THR B 248 3.09 5.17 -15.03
N GLN B 249 2.91 6.05 -14.05
CA GLN B 249 3.40 5.77 -12.69
C GLN B 249 2.62 4.63 -12.05
N LEU B 250 1.32 4.56 -12.31
CA LEU B 250 0.52 3.45 -11.79
C LEU B 250 1.01 2.12 -12.35
N ALA B 251 1.27 2.06 -13.67
CA ALA B 251 1.79 0.84 -14.27
C ALA B 251 3.08 0.39 -13.60
N HIS B 252 4.00 1.33 -13.35
CA HIS B 252 5.24 0.99 -12.66
C HIS B 252 4.96 0.43 -11.27
N LEU B 253 4.03 1.03 -10.54
CA LEU B 253 3.75 0.62 -9.17
C LEU B 253 3.13 -0.77 -9.09
N VAL B 254 2.51 -1.25 -10.16
CA VAL B 254 1.87 -2.56 -10.15
C VAL B 254 2.66 -3.58 -10.97
N GLY B 255 3.91 -3.29 -11.31
CA GLY B 255 4.75 -4.26 -11.98
C GLY B 255 4.54 -4.36 -13.47
N CYS B 256 4.12 -3.27 -14.12
CA CYS B 256 3.84 -3.20 -15.54
C CYS B 256 4.80 -2.24 -16.24
N PRO B 257 5.23 -2.55 -17.47
CA PRO B 257 6.17 -1.71 -18.23
C PRO B 257 5.60 -0.34 -18.55
N GLY B 263 8.22 2.20 -25.52
CA GLY B 263 7.19 1.59 -24.72
C GLY B 263 5.79 1.86 -25.24
N ASN B 264 5.20 0.86 -25.91
CA ASN B 264 3.87 1.01 -26.48
C ASN B 264 2.83 1.31 -25.41
N ASP B 265 1.93 2.25 -25.72
CA ASP B 265 0.74 2.40 -24.90
C ASP B 265 -0.06 1.11 -24.92
N THR B 266 0.00 0.40 -26.03
CA THR B 266 -0.69 -0.85 -26.16
C THR B 266 -0.17 -1.89 -25.18
N GLU B 267 1.14 -2.04 -25.06
CA GLU B 267 1.70 -3.02 -24.15
C GLU B 267 1.36 -2.61 -22.76
N LEU B 268 1.42 -1.33 -22.48
CA LEU B 268 1.20 -0.82 -21.13
C LEU B 268 -0.21 -1.15 -20.65
N VAL B 269 -1.22 -0.86 -21.49
CA VAL B 269 -2.60 -1.12 -21.08
C VAL B 269 -2.86 -2.62 -20.99
N ALA B 270 -2.29 -3.40 -21.90
CA ALA B 270 -2.49 -4.84 -21.86
C ALA B 270 -2.01 -5.44 -20.55
N CYS B 271 -0.87 -4.96 -20.03
CA CYS B 271 -0.39 -5.44 -18.74
C CYS B 271 -1.31 -5.00 -17.61
N LEU B 272 -1.77 -3.75 -17.65
CA LEU B 272 -2.71 -3.27 -16.63
C LEU B 272 -3.98 -4.10 -16.62
N ARG B 273 -4.42 -4.58 -17.79
CA ARG B 273 -5.65 -5.36 -17.86
C ARG B 273 -5.52 -6.74 -17.22
N THR B 274 -4.30 -7.23 -17.05
CA THR B 274 -4.12 -8.51 -16.36
C THR B 274 -4.16 -8.39 -14.84
N ARG B 275 -4.08 -7.18 -14.31
CA ARG B 275 -4.03 -6.98 -12.87
C ARG B 275 -5.43 -7.02 -12.26
N PRO B 276 -5.59 -7.66 -11.10
CA PRO B 276 -6.88 -7.59 -10.40
C PRO B 276 -7.25 -6.16 -10.10
N ALA B 277 -8.56 -5.89 -10.13
CA ALA B 277 -9.05 -4.54 -9.90
C ALA B 277 -8.57 -3.97 -8.56
N GLN B 278 -8.55 -4.80 -7.52
CA GLN B 278 -8.13 -4.34 -6.21
C GLN B 278 -6.67 -3.89 -6.20
N VAL B 279 -5.84 -4.49 -7.06
CA VAL B 279 -4.43 -4.10 -7.10
C VAL B 279 -4.28 -2.67 -7.61
N LEU B 280 -5.05 -2.30 -8.64
CA LEU B 280 -5.02 -0.92 -9.11
C LEU B 280 -5.48 0.04 -8.02
N VAL B 281 -6.53 -0.33 -7.28
CA VAL B 281 -7.05 0.53 -6.22
C VAL B 281 -5.99 0.74 -5.14
N ASN B 282 -5.22 -0.31 -4.82
CA ASN B 282 -4.28 -0.23 -3.70
C ASN B 282 -3.15 0.76 -3.94
N HIS B 283 -2.85 1.10 -5.19
CA HIS B 283 -1.77 2.03 -5.51
C HIS B 283 -2.28 3.36 -6.03
N GLU B 284 -3.60 3.57 -6.02
CA GLU B 284 -4.21 4.73 -6.70
C GLU B 284 -3.67 6.05 -6.15
N TRP B 285 -3.63 6.20 -4.84
CA TRP B 285 -3.27 7.48 -4.25
C TRP B 285 -1.79 7.80 -4.37
N HIS B 286 -0.94 6.83 -4.70
CA HIS B 286 0.50 7.01 -4.72
C HIS B 286 1.01 7.66 -6.01
N VAL B 287 0.14 7.94 -6.98
CA VAL B 287 0.58 8.59 -8.21
C VAL B 287 0.41 10.10 -8.15
N LEU B 288 -0.13 10.63 -7.05
CA LEU B 288 -0.26 12.07 -6.91
C LEU B 288 1.12 12.70 -6.72
N PRO B 289 1.35 13.89 -7.29
CA PRO B 289 2.70 14.47 -7.24
C PRO B 289 3.11 15.01 -5.87
N GLN B 290 2.16 15.36 -5.00
CA GLN B 290 2.49 16.01 -3.75
C GLN B 290 1.51 15.56 -2.66
N GLU B 291 1.97 15.62 -1.41
CA GLU B 291 1.08 15.42 -0.27
C GLU B 291 -0.01 16.50 -0.29
N SER B 292 -1.27 16.07 -0.29
CA SER B 292 -2.33 17.06 -0.46
C SER B 292 -3.65 16.52 0.07
N VAL B 293 -4.58 17.44 0.26
CA VAL B 293 -5.99 17.14 0.44
C VAL B 293 -6.73 17.75 -0.73
N PHE B 294 -7.90 17.18 -1.04
CA PHE B 294 -8.76 17.66 -2.12
C PHE B 294 -8.10 17.52 -3.50
N ARG B 295 -7.28 16.49 -3.67
CA ARG B 295 -6.71 16.15 -4.96
C ARG B 295 -6.87 14.65 -5.20
N PHE B 296 -7.21 14.28 -6.42
CA PHE B 296 -7.57 12.91 -6.76
C PHE B 296 -6.84 12.47 -8.02
N SER B 297 -6.42 11.20 -8.03
CA SER B 297 -5.44 10.74 -9.01
C SER B 297 -6.02 10.74 -10.43
N PHE B 298 -7.19 10.13 -10.61
CA PHE B 298 -7.73 9.90 -11.95
C PHE B 298 -9.05 10.65 -12.09
N VAL B 299 -9.01 11.75 -12.82
CA VAL B 299 -10.14 12.66 -12.99
C VAL B 299 -10.31 12.93 -14.49
N PRO B 300 -11.39 13.59 -14.92
CA PRO B 300 -11.53 13.92 -16.34
C PRO B 300 -10.31 14.64 -16.89
N VAL B 301 -9.94 14.28 -18.13
CA VAL B 301 -8.76 14.83 -18.79
C VAL B 301 -9.22 15.76 -19.91
N VAL B 302 -8.54 16.90 -20.04
CA VAL B 302 -8.80 17.85 -21.13
C VAL B 302 -7.91 17.44 -22.30
N ASP B 303 -8.49 16.75 -23.28
CA ASP B 303 -7.74 16.28 -24.43
C ASP B 303 -8.34 16.69 -25.77
N GLY B 304 -9.29 17.63 -25.76
CA GLY B 304 -9.91 18.11 -26.98
C GLY B 304 -11.10 17.30 -27.46
N ASP B 305 -11.40 16.17 -26.86
CA ASP B 305 -12.51 15.37 -27.32
C ASP B 305 -13.76 15.61 -26.51
N PHE B 306 -13.91 15.01 -25.33
CA PHE B 306 -15.06 15.32 -24.47
C PHE B 306 -15.09 16.79 -24.10
N LEU B 307 -13.93 17.35 -23.74
CA LEU B 307 -13.77 18.77 -23.48
C LEU B 307 -12.82 19.32 -24.52
N SER B 308 -13.35 20.16 -25.42
CA SER B 308 -12.51 20.75 -26.47
C SER B 308 -11.53 21.77 -25.92
N ASP B 309 -11.75 22.23 -24.68
CA ASP B 309 -10.84 23.14 -24.00
C ASP B 309 -11.01 22.93 -22.50
N THR B 310 -10.24 23.67 -21.71
CA THR B 310 -10.44 23.62 -20.28
C THR B 310 -11.86 24.10 -19.94
N PRO B 311 -12.47 23.58 -18.88
CA PRO B 311 -13.79 24.07 -18.50
C PRO B 311 -13.83 25.56 -18.30
N GLU B 312 -12.73 26.18 -17.84
CA GLU B 312 -12.76 27.60 -17.54
C GLU B 312 -12.78 28.42 -18.83
N ALA B 313 -12.05 27.96 -19.85
CA ALA B 313 -12.11 28.58 -21.17
C ALA B 313 -13.48 28.38 -21.80
N LEU B 314 -14.05 27.18 -21.67
CA LEU B 314 -15.35 26.92 -22.26
C LEU B 314 -16.45 27.74 -21.59
N ILE B 315 -16.31 27.98 -20.28
CA ILE B 315 -17.29 28.79 -19.57
C ILE B 315 -17.26 30.24 -20.05
N ASN B 316 -16.06 30.80 -20.21
CA ASN B 316 -15.92 32.20 -20.59
C ASN B 316 -16.42 32.47 -22.01
N ALA B 317 -16.36 31.48 -22.89
CA ALA B 317 -16.65 31.69 -24.30
C ALA B 317 -18.02 31.16 -24.71
N GLY B 318 -18.82 30.67 -23.78
CA GLY B 318 -20.08 30.06 -24.13
C GLY B 318 -21.23 31.06 -24.16
N ASP B 319 -22.21 30.75 -25.02
CA ASP B 319 -23.48 31.45 -25.04
C ASP B 319 -24.46 30.56 -24.28
N PHE B 320 -24.92 31.04 -23.12
CA PHE B 320 -25.75 30.24 -22.24
C PHE B 320 -27.17 30.78 -22.14
N HIS B 321 -27.61 31.52 -23.15
CA HIS B 321 -29.01 31.92 -23.22
C HIS B 321 -29.88 30.68 -23.35
N GLY B 322 -31.00 30.69 -22.63
CA GLY B 322 -31.89 29.55 -22.62
C GLY B 322 -31.54 28.49 -21.61
N LEU B 323 -30.50 28.69 -20.81
CA LEU B 323 -30.09 27.73 -19.79
C LEU B 323 -30.50 28.25 -18.42
N GLN B 324 -31.07 27.37 -17.61
CA GLN B 324 -31.35 27.63 -16.20
C GLN B 324 -30.47 26.70 -15.36
N VAL B 325 -29.85 27.26 -14.33
CA VAL B 325 -29.02 26.47 -13.43
C VAL B 325 -29.34 26.84 -11.99
N LEU B 326 -29.22 25.83 -11.13
CA LEU B 326 -29.35 25.99 -9.69
C LEU B 326 -28.03 25.53 -9.09
N VAL B 327 -27.32 26.45 -8.43
CA VAL B 327 -26.00 26.13 -7.88
C VAL B 327 -25.97 26.58 -6.42
N GLY B 328 -25.07 25.98 -5.66
CA GLY B 328 -24.93 26.39 -4.27
C GLY B 328 -23.83 25.62 -3.58
N VAL B 329 -23.62 26.01 -2.32
CA VAL B 329 -22.57 25.45 -1.48
C VAL B 329 -23.12 25.27 -0.08
N VAL B 330 -22.43 24.48 0.74
CA VAL B 330 -22.75 24.38 2.15
C VAL B 330 -21.97 25.46 2.90
N LYS B 331 -22.27 25.64 4.18
CA LYS B 331 -21.69 26.75 4.94
C LYS B 331 -20.20 26.58 5.16
N ASP B 332 -19.72 25.33 5.29
CA ASP B 332 -18.32 25.06 5.64
C ASP B 332 -17.77 24.00 4.68
N GLU B 333 -17.48 24.40 3.44
CA GLU B 333 -17.05 23.46 2.43
C GLU B 333 -15.70 22.83 2.75
N GLY B 334 -14.83 23.53 3.48
CA GLY B 334 -13.47 23.09 3.67
C GLY B 334 -13.23 22.15 4.83
N SER B 335 -14.14 22.13 5.81
CA SER B 335 -13.85 21.48 7.09
C SER B 335 -13.67 19.96 6.93
N TYR B 336 -14.55 19.33 6.13
CA TYR B 336 -14.51 17.88 5.99
C TYR B 336 -13.14 17.37 5.57
N PHE B 337 -12.51 18.05 4.62
CA PHE B 337 -11.28 17.56 4.02
C PHE B 337 -10.05 17.80 4.90
N LEU B 338 -10.16 18.67 5.91
CA LEU B 338 -9.00 18.99 6.73
C LEU B 338 -8.53 17.81 7.57
N VAL B 339 -9.46 16.97 8.02
CA VAL B 339 -9.08 15.82 8.83
C VAL B 339 -8.38 14.72 8.05
N TYR B 340 -8.28 14.87 6.73
CA TYR B 340 -7.66 13.86 5.88
C TYR B 340 -6.21 14.19 5.53
N GLY B 341 -5.57 15.09 6.27
CA GLY B 341 -4.16 15.34 6.02
C GLY B 341 -3.61 16.69 6.45
N ALA B 342 -4.48 17.62 6.83
CA ALA B 342 -3.99 18.90 7.32
C ALA B 342 -3.39 18.71 8.71
N PRO B 343 -2.17 19.19 8.95
CA PRO B 343 -1.53 18.95 10.25
C PRO B 343 -2.29 19.58 11.40
N GLY B 344 -2.50 18.79 12.45
CA GLY B 344 -3.16 19.24 13.65
C GLY B 344 -4.66 19.07 13.67
N PHE B 345 -5.26 18.50 12.63
CA PHE B 345 -6.71 18.39 12.52
C PHE B 345 -7.18 16.98 12.84
N SER B 346 -8.33 16.91 13.52
CA SER B 346 -8.95 15.64 13.88
C SER B 346 -10.40 15.91 14.22
N LYS B 347 -11.27 14.94 13.90
CA LYS B 347 -12.66 15.03 14.32
C LYS B 347 -12.84 14.86 15.82
N ASP B 348 -11.81 14.37 16.52
CA ASP B 348 -11.95 14.02 17.93
C ASP B 348 -11.34 15.04 18.88
N ASN B 349 -10.74 16.12 18.37
CA ASN B 349 -10.40 17.25 19.22
C ASN B 349 -10.82 18.54 18.51
N GLU B 350 -10.57 19.68 19.17
CA GLU B 350 -11.03 20.96 18.67
C GLU B 350 -10.27 21.45 17.45
N SER B 351 -9.16 20.79 17.10
CA SER B 351 -8.35 21.17 15.95
C SER B 351 -7.91 22.64 16.04
N LEU B 352 -7.53 23.05 17.25
CA LEU B 352 -7.02 24.40 17.48
C LEU B 352 -5.55 24.40 17.10
N ILE B 353 -5.28 24.79 15.86
CA ILE B 353 -3.94 24.63 15.27
C ILE B 353 -3.10 25.86 15.56
N SER B 354 -1.79 25.69 15.48
CA SER B 354 -0.83 26.78 15.64
C SER B 354 -0.59 27.46 14.30
N ARG B 355 0.10 28.59 14.36
CA ARG B 355 0.48 29.31 13.14
C ARG B 355 1.33 28.43 12.23
N ALA B 356 2.29 27.71 12.81
CA ALA B 356 3.13 26.83 12.00
C ALA B 356 2.30 25.74 11.32
N GLU B 357 1.32 25.19 12.02
CA GLU B 357 0.45 24.18 11.41
C GLU B 357 -0.43 24.81 10.33
N PHE B 358 -0.85 26.06 10.53
CA PHE B 358 -1.62 26.76 9.51
C PHE B 358 -0.81 26.95 8.24
N LEU B 359 0.43 27.44 8.38
CA LEU B 359 1.30 27.61 7.22
C LEU B 359 1.57 26.27 6.53
N ALA B 360 1.75 25.22 7.31
CA ALA B 360 1.94 23.89 6.73
C ALA B 360 0.67 23.42 6.04
N GLY B 361 -0.50 23.71 6.62
CA GLY B 361 -1.75 23.32 5.99
C GLY B 361 -1.99 24.00 4.66
N VAL B 362 -1.52 25.24 4.52
CA VAL B 362 -1.72 25.98 3.27
C VAL B 362 -1.05 25.26 2.10
N ARG B 363 0.17 24.75 2.31
CA ARG B 363 0.86 24.03 1.25
C ARG B 363 0.15 22.72 0.91
N VAL B 364 -0.51 22.10 1.89
CA VAL B 364 -1.25 20.88 1.62
C VAL B 364 -2.59 21.19 0.97
N GLY B 365 -3.26 22.26 1.43
CA GLY B 365 -4.55 22.61 0.88
C GLY B 365 -4.51 23.33 -0.45
N VAL B 366 -3.38 23.96 -0.78
CA VAL B 366 -3.20 24.59 -2.08
C VAL B 366 -1.97 23.97 -2.74
N PRO B 367 -2.06 22.71 -3.19
CA PRO B 367 -0.87 22.02 -3.69
C PRO B 367 -0.44 22.49 -5.07
N GLN B 368 0.85 22.30 -5.35
CA GLN B 368 1.42 22.52 -6.67
C GLN B 368 1.31 23.98 -7.11
N VAL B 369 1.59 24.90 -6.20
CA VAL B 369 1.71 26.31 -6.53
C VAL B 369 3.04 26.81 -6.01
N SER B 370 3.52 27.90 -6.62
CA SER B 370 4.80 28.48 -6.24
C SER B 370 4.74 29.02 -4.81
N ASP B 371 5.93 29.24 -4.23
CA ASP B 371 6.00 29.84 -2.91
C ASP B 371 5.32 31.21 -2.89
N LEU B 372 5.51 32.01 -3.95
CA LEU B 372 4.88 33.32 -4.01
C LEU B 372 3.36 33.21 -3.96
N ALA B 373 2.79 32.24 -4.70
CA ALA B 373 1.35 32.04 -4.65
C ALA B 373 0.90 31.67 -3.24
N ALA B 374 1.65 30.79 -2.57
CA ALA B 374 1.31 30.40 -1.21
C ALA B 374 1.37 31.58 -0.26
N GLU B 375 2.38 32.44 -0.41
CA GLU B 375 2.47 33.63 0.42
C GLU B 375 1.29 34.56 0.20
N ALA B 376 0.82 34.67 -1.05
CA ALA B 376 -0.38 35.45 -1.32
C ALA B 376 -1.58 34.90 -0.57
N VAL B 377 -1.69 33.57 -0.49
CA VAL B 377 -2.78 32.94 0.26
C VAL B 377 -2.67 33.31 1.74
N VAL B 378 -1.46 33.21 2.29
CA VAL B 378 -1.26 33.50 3.71
C VAL B 378 -1.59 34.97 4.01
N LEU B 379 -1.20 35.87 3.11
CA LEU B 379 -1.51 37.29 3.29
C LEU B 379 -3.01 37.52 3.36
N HIS B 380 -3.78 36.89 2.47
N HIS B 380 -3.78 36.86 2.48
CA HIS B 380 -5.21 37.18 2.40
CA HIS B 380 -5.20 37.13 2.35
C HIS B 380 -5.98 36.56 3.56
C HIS B 380 -6.00 36.52 3.49
N TYR B 381 -5.58 35.37 4.01
CA TYR B 381 -6.33 34.64 5.01
C TYR B 381 -5.78 34.82 6.43
N THR B 382 -4.78 35.68 6.60
CA THR B 382 -4.30 36.02 7.93
C THR B 382 -4.99 37.29 8.42
N ASP B 383 -5.50 37.24 9.65
CA ASP B 383 -5.89 38.45 10.37
C ASP B 383 -4.64 38.96 11.07
N TRP B 384 -4.09 40.07 10.56
CA TRP B 384 -2.81 40.55 11.05
C TRP B 384 -2.94 41.29 12.38
N LEU B 385 -4.14 41.42 12.92
CA LEU B 385 -4.33 41.80 14.32
C LEU B 385 -4.39 40.59 15.24
N HIS B 386 -4.65 39.40 14.70
CA HIS B 386 -4.67 38.15 15.47
C HIS B 386 -3.99 37.05 14.67
N PRO B 387 -2.69 37.22 14.35
CA PRO B 387 -2.06 36.30 13.39
C PRO B 387 -1.88 34.88 13.92
N GLU B 388 -1.97 34.65 15.23
CA GLU B 388 -1.68 33.35 15.81
C GLU B 388 -2.81 32.78 16.64
N ASP B 389 -4.00 33.34 16.55
CA ASP B 389 -5.15 32.82 17.30
C ASP B 389 -5.55 31.45 16.76
N PRO B 390 -5.49 30.39 17.56
CA PRO B 390 -5.76 29.04 17.02
C PRO B 390 -7.15 28.89 16.41
N ALA B 391 -8.19 29.40 17.08
CA ALA B 391 -9.54 29.28 16.55
C ALA B 391 -9.67 29.98 15.20
N ARG B 392 -9.12 31.20 15.10
CA ARG B 392 -9.17 31.92 13.83
C ARG B 392 -8.37 31.20 12.75
N LEU B 393 -7.25 30.57 13.12
CA LEU B 393 -6.44 29.85 12.15
C LEU B 393 -7.17 28.61 11.64
N ARG B 394 -7.85 27.90 12.54
CA ARG B 394 -8.64 26.74 12.12
C ARG B 394 -9.72 27.16 11.12
N GLU B 395 -10.47 28.21 11.43
CA GLU B 395 -11.49 28.70 10.52
C GLU B 395 -10.88 29.20 9.21
N ALA B 396 -9.70 29.83 9.28
CA ALA B 396 -9.09 30.38 8.08
C ALA B 396 -8.65 29.28 7.12
N LEU B 397 -8.03 28.21 7.64
CA LEU B 397 -7.59 27.13 6.76
C LEU B 397 -8.79 26.41 6.15
N SER B 398 -9.88 26.28 6.90
CA SER B 398 -11.11 25.75 6.31
C SER B 398 -11.59 26.63 5.18
N ASP B 399 -11.52 27.95 5.36
CA ASP B 399 -11.88 28.88 4.28
C ASP B 399 -10.95 28.72 3.09
N VAL B 400 -9.65 28.58 3.33
CA VAL B 400 -8.70 28.40 2.23
C VAL B 400 -9.10 27.21 1.38
N VAL B 401 -9.27 26.05 2.01
CA VAL B 401 -9.58 24.83 1.27
C VAL B 401 -10.96 24.92 0.62
N GLY B 402 -11.94 25.46 1.34
CA GLY B 402 -13.28 25.54 0.78
C GLY B 402 -13.42 26.54 -0.34
N ASP B 403 -12.79 27.72 -0.19
CA ASP B 403 -12.87 28.73 -1.24
C ASP B 403 -12.15 28.27 -2.50
N HIS B 404 -10.93 27.74 -2.33
CA HIS B 404 -10.11 27.36 -3.48
C HIS B 404 -10.76 26.24 -4.29
N ASN B 405 -11.35 25.26 -3.62
CA ASN B 405 -11.81 24.05 -4.29
C ASN B 405 -13.29 24.06 -4.64
N VAL B 406 -14.13 24.79 -3.89
CA VAL B 406 -15.57 24.70 -4.11
C VAL B 406 -16.21 26.07 -4.34
N VAL B 407 -16.14 26.94 -3.34
CA VAL B 407 -16.96 28.16 -3.34
C VAL B 407 -16.61 29.05 -4.54
N CYS B 408 -15.33 29.33 -4.71
CA CYS B 408 -14.94 30.28 -5.75
C CYS B 408 -15.07 29.68 -7.16
N PRO B 409 -14.76 28.39 -7.38
CA PRO B 409 -15.14 27.80 -8.67
C PRO B 409 -16.63 27.87 -8.95
N VAL B 410 -17.47 27.63 -7.94
CA VAL B 410 -18.91 27.75 -8.13
C VAL B 410 -19.29 29.20 -8.40
N ALA B 411 -18.68 30.13 -7.68
CA ALA B 411 -19.01 31.55 -7.87
C ALA B 411 -18.60 32.02 -9.26
N GLN B 412 -17.46 31.56 -9.76
CA GLN B 412 -17.04 31.94 -11.11
C GLN B 412 -17.99 31.38 -12.16
N LEU B 413 -18.38 30.11 -12.03
CA LEU B 413 -19.34 29.53 -12.97
C LEU B 413 -20.65 30.28 -12.94
N ALA B 414 -21.16 30.59 -11.75
CA ALA B 414 -22.43 31.30 -11.63
C ALA B 414 -22.37 32.67 -12.30
N GLY B 415 -21.29 33.42 -12.03
CA GLY B 415 -21.19 34.77 -12.58
C GLY B 415 -21.03 34.78 -14.08
N ARG B 416 -20.24 33.85 -14.62
CA ARG B 416 -20.01 33.83 -16.06
C ARG B 416 -21.25 33.37 -16.81
N LEU B 417 -21.93 32.32 -16.31
CA LEU B 417 -23.16 31.86 -16.93
C LEU B 417 -24.23 32.95 -16.91
N ALA B 418 -24.39 33.61 -15.76
CA ALA B 418 -25.39 34.66 -15.65
C ALA B 418 -25.09 35.82 -16.59
N ALA B 419 -23.82 36.22 -16.69
CA ALA B 419 -23.44 37.32 -17.57
C ALA B 419 -23.54 36.94 -19.04
N GLN B 420 -23.64 35.65 -19.35
CA GLN B 420 -23.66 35.17 -20.73
C GLN B 420 -24.97 34.47 -21.08
N GLY B 421 -26.07 34.87 -20.44
CA GLY B 421 -27.40 34.54 -20.90
C GLY B 421 -28.16 33.53 -20.07
N ALA B 422 -27.53 32.90 -19.08
CA ALA B 422 -28.22 31.91 -18.28
C ALA B 422 -28.95 32.57 -17.12
N ARG B 423 -30.04 31.93 -16.70
CA ARG B 423 -30.73 32.31 -15.47
C ARG B 423 -30.21 31.41 -14.36
N VAL B 424 -29.61 32.01 -13.34
CA VAL B 424 -28.91 31.29 -12.29
C VAL B 424 -29.60 31.55 -10.96
N TYR B 425 -29.79 30.50 -10.18
CA TYR B 425 -30.25 30.62 -8.80
C TYR B 425 -29.18 30.02 -7.89
N ALA B 426 -28.81 30.76 -6.85
CA ALA B 426 -27.72 30.38 -5.97
C ALA B 426 -28.20 30.31 -4.53
N TYR B 427 -27.62 29.37 -3.78
CA TYR B 427 -27.97 29.16 -2.39
C TYR B 427 -26.71 28.90 -1.58
N VAL B 428 -26.83 29.09 -0.27
CA VAL B 428 -25.86 28.58 0.69
C VAL B 428 -26.63 27.79 1.73
N PHE B 429 -26.29 26.51 1.89
CA PHE B 429 -26.98 25.64 2.81
C PHE B 429 -26.35 25.76 4.19
N GLU B 430 -27.14 26.23 5.17
CA GLU B 430 -26.60 26.63 6.47
C GLU B 430 -27.21 25.88 7.64
N HIS B 431 -27.94 24.80 7.41
CA HIS B 431 -28.53 24.04 8.50
C HIS B 431 -27.64 22.86 8.86
N ARG B 432 -27.29 22.75 10.13
CA ARG B 432 -26.55 21.61 10.64
C ARG B 432 -27.54 20.59 11.18
N ALA B 433 -27.56 19.40 10.56
CA ALA B 433 -28.55 18.39 10.93
C ALA B 433 -28.40 18.02 12.40
N SER B 434 -29.54 17.86 13.08
CA SER B 434 -29.53 17.45 14.48
C SER B 434 -28.89 16.08 14.65
N THR B 435 -28.82 15.28 13.59
CA THR B 435 -28.25 13.94 13.64
C THR B 435 -26.78 13.90 13.24
N LEU B 436 -26.15 15.06 12.98
CA LEU B 436 -24.79 15.07 12.46
C LEU B 436 -23.82 14.51 13.47
N SER B 437 -22.98 13.56 13.02
CA SER B 437 -22.03 12.88 13.89
C SER B 437 -20.66 13.55 13.90
N TRP B 438 -20.41 14.48 12.98
CA TRP B 438 -19.14 15.21 12.98
C TRP B 438 -19.14 16.25 14.10
N PRO B 439 -17.96 16.63 14.60
CA PRO B 439 -17.90 17.58 15.70
C PRO B 439 -18.46 18.95 15.32
N LEU B 440 -18.76 19.73 16.35
CA LEU B 440 -19.41 21.03 16.14
C LEU B 440 -18.50 22.00 15.40
N TRP B 441 -17.18 21.88 15.54
CA TRP B 441 -16.29 22.85 14.91
C TRP B 441 -16.32 22.76 13.39
N MET B 442 -16.78 21.64 12.83
CA MET B 442 -16.87 21.52 11.37
C MET B 442 -18.06 22.25 10.77
N GLY B 443 -18.99 22.73 11.60
CA GLY B 443 -20.11 23.49 11.07
C GLY B 443 -21.02 22.62 10.21
N VAL B 444 -21.40 23.16 9.05
CA VAL B 444 -22.18 22.42 8.06
C VAL B 444 -21.23 21.89 7.00
N PRO B 445 -20.78 20.64 7.10
CA PRO B 445 -19.72 20.15 6.22
C PRO B 445 -20.21 19.79 4.84
N HIS B 446 -19.25 19.65 3.94
CA HIS B 446 -19.47 19.22 2.57
C HIS B 446 -20.29 17.94 2.51
N GLY B 447 -21.38 17.97 1.74
CA GLY B 447 -22.17 16.79 1.46
C GLY B 447 -23.39 16.58 2.33
N TYR B 448 -23.63 17.41 3.34
CA TYR B 448 -24.67 17.15 4.32
C TYR B 448 -25.93 17.96 4.08
N GLU B 449 -26.08 18.54 2.88
CA GLU B 449 -27.39 18.99 2.41
C GLU B 449 -28.12 17.90 1.63
N ILE B 450 -27.40 16.89 1.16
CA ILE B 450 -27.98 15.88 0.26
C ILE B 450 -29.17 15.19 0.92
N GLU B 451 -29.00 14.77 2.18
CA GLU B 451 -30.06 14.04 2.86
C GLU B 451 -31.35 14.84 2.93
N PHE B 452 -31.25 16.17 2.97
CA PHE B 452 -32.45 17.01 3.00
C PHE B 452 -33.06 17.16 1.61
N ILE B 453 -32.23 17.25 0.58
CA ILE B 453 -32.74 17.34 -0.79
C ILE B 453 -33.54 16.08 -1.14
N PHE B 454 -33.07 14.93 -0.68
CA PHE B 454 -33.71 13.65 -0.97
C PHE B 454 -34.82 13.30 0.02
N GLY B 455 -35.09 14.16 0.99
CA GLY B 455 -36.18 13.91 1.92
C GLY B 455 -35.95 12.79 2.90
N ILE B 456 -34.70 12.42 3.15
CA ILE B 456 -34.35 11.38 4.11
C ILE B 456 -34.94 11.69 5.50
N PRO B 457 -34.99 12.95 5.94
CA PRO B 457 -35.65 13.23 7.24
C PRO B 457 -37.08 12.73 7.34
N LEU B 458 -37.76 12.45 6.22
CA LEU B 458 -39.12 11.92 6.30
C LEU B 458 -39.14 10.46 6.72
N ASP B 459 -38.01 9.77 6.68
CA ASP B 459 -37.95 8.39 7.14
C ASP B 459 -38.23 8.33 8.63
N PRO B 460 -39.30 7.64 9.05
CA PRO B 460 -39.63 7.61 10.48
C PRO B 460 -38.57 6.94 11.34
N SER B 461 -37.84 5.98 10.79
CA SER B 461 -36.82 5.26 11.55
C SER B 461 -35.58 6.09 11.83
N ARG B 462 -35.53 7.33 11.35
CA ARG B 462 -34.46 8.27 11.64
C ARG B 462 -34.93 9.26 12.70
N ASN B 463 -33.98 10.02 13.24
CA ASN B 463 -34.25 10.86 14.40
C ASN B 463 -34.26 12.35 14.09
N TYR B 464 -34.65 12.71 12.87
CA TYR B 464 -34.76 14.12 12.54
C TYR B 464 -35.94 14.75 13.29
N THR B 465 -35.80 16.03 13.59
CA THR B 465 -36.83 16.75 14.32
C THR B 465 -38.01 17.09 13.42
N ALA B 466 -39.10 17.52 13.99
CA ALA B 466 -40.24 17.88 13.21
C ALA B 466 -39.98 19.05 12.31
N GLU B 467 -39.21 20.00 12.79
CA GLU B 467 -38.85 21.17 12.04
C GLU B 467 -38.01 20.76 10.83
N GLU B 468 -37.14 19.78 11.01
CA GLU B 468 -36.29 19.29 9.91
C GLU B 468 -37.11 18.70 8.77
N LYS B 469 -38.15 17.94 9.10
CA LYS B 469 -39.00 17.33 8.12
C LYS B 469 -39.68 18.34 7.26
N ILE B 470 -40.18 19.38 7.88
CA ILE B 470 -40.75 20.48 7.11
C ILE B 470 -39.68 21.13 6.24
N PHE B 471 -38.48 21.31 6.79
CA PHE B 471 -37.37 21.87 6.03
C PHE B 471 -37.05 21.02 4.80
N ALA B 472 -36.97 19.69 4.99
CA ALA B 472 -36.72 18.80 3.87
C ALA B 472 -37.80 18.93 2.80
N GLN B 473 -39.06 19.04 3.23
CA GLN B 473 -40.16 19.19 2.27
C GLN B 473 -40.05 20.51 1.52
N ARG B 474 -39.57 21.57 2.19
CA ARG B 474 -39.33 22.83 1.51
C ARG B 474 -38.29 22.69 0.41
N LEU B 475 -37.17 22.00 0.73
CA LEU B 475 -36.08 21.87 -0.22
C LEU B 475 -36.49 21.00 -1.41
N MET B 476 -37.22 19.90 -1.15
CA MET B 476 -37.70 19.07 -2.24
C MET B 476 -38.60 19.86 -3.18
N ARG B 477 -39.40 20.78 -2.63
CA ARG B 477 -40.27 21.61 -3.48
C ARG B 477 -39.45 22.57 -4.33
N TYR B 478 -38.44 23.24 -3.73
CA TYR B 478 -37.56 24.10 -4.51
C TYR B 478 -36.93 23.34 -5.67
N TRP B 479 -36.31 22.20 -5.38
CA TRP B 479 -35.61 21.44 -6.40
C TRP B 479 -36.56 20.95 -7.49
N ALA B 480 -37.76 20.50 -7.11
CA ALA B 480 -38.71 20.02 -8.09
C ALA B 480 -39.37 21.16 -8.86
N ASN B 481 -39.63 22.29 -8.19
CA ASN B 481 -40.09 23.48 -8.90
C ASN B 481 -39.10 23.86 -9.99
N PHE B 482 -37.81 23.83 -9.67
CA PHE B 482 -36.78 24.15 -10.66
C PHE B 482 -36.78 23.13 -11.79
N ALA B 483 -36.94 21.84 -11.46
CA ALA B 483 -36.98 20.81 -12.49
C ALA B 483 -38.15 21.02 -13.44
N ARG B 484 -39.31 21.41 -12.91
CA ARG B 484 -40.50 21.57 -13.74
C ARG B 484 -40.45 22.85 -14.58
N THR B 485 -40.01 23.96 -13.99
CA THR B 485 -40.16 25.27 -14.61
C THR B 485 -38.85 26.03 -14.83
N GLY B 486 -37.73 25.57 -14.28
CA GLY B 486 -36.53 26.37 -14.30
C GLY B 486 -36.50 27.48 -13.28
N ASP B 487 -37.41 27.45 -12.31
CA ASP B 487 -37.57 28.49 -11.29
C ASP B 487 -37.96 27.80 -9.98
N PRO B 488 -37.12 27.88 -8.94
CA PRO B 488 -37.45 27.20 -7.68
C PRO B 488 -38.58 27.86 -6.90
N ASN B 489 -38.99 29.07 -7.25
CA ASN B 489 -39.93 29.80 -6.42
C ASN B 489 -41.33 29.21 -6.51
N GLU B 490 -42.08 29.35 -5.41
CA GLU B 490 -43.44 28.87 -5.36
C GLU B 490 -44.33 29.99 -5.89
N PRO B 491 -44.99 29.82 -7.04
CA PRO B 491 -45.94 30.81 -7.54
C PRO B 491 -47.25 30.83 -6.76
N PRO B 497 -41.63 34.98 0.64
CA PRO B 497 -40.30 35.51 0.31
C PRO B 497 -39.72 34.84 -0.94
N GLN B 498 -39.32 35.66 -1.91
CA GLN B 498 -38.92 35.18 -3.23
C GLN B 498 -37.41 34.98 -3.32
N TRP B 499 -37.01 34.04 -4.17
CA TRP B 499 -35.63 33.68 -4.44
C TRP B 499 -35.20 34.37 -5.73
N PRO B 500 -34.43 35.44 -5.66
CA PRO B 500 -34.07 36.18 -6.88
C PRO B 500 -32.93 35.50 -7.61
N PRO B 501 -32.83 35.67 -8.93
CA PRO B 501 -31.72 35.09 -9.67
C PRO B 501 -30.37 35.72 -9.30
N TYR B 502 -29.33 34.90 -9.42
CA TYR B 502 -27.96 35.38 -9.22
C TYR B 502 -27.46 36.10 -10.46
N THR B 503 -26.81 37.24 -10.25
CA THR B 503 -26.25 38.03 -11.33
C THR B 503 -24.83 38.44 -10.96
N ALA B 504 -24.02 38.73 -11.97
CA ALA B 504 -22.62 39.06 -11.73
C ALA B 504 -22.47 40.34 -10.91
N GLY B 505 -23.43 41.25 -11.02
CA GLY B 505 -23.39 42.50 -10.27
C GLY B 505 -23.96 42.38 -8.88
N ALA B 506 -25.26 42.07 -8.78
CA ALA B 506 -25.91 42.01 -7.47
C ALA B 506 -25.43 40.82 -6.66
N GLN B 507 -25.11 39.70 -7.32
CA GLN B 507 -24.55 38.52 -6.67
C GLN B 507 -25.45 38.01 -5.54
N GLN B 508 -26.74 37.95 -5.81
CA GLN B 508 -27.73 37.59 -4.80
C GLN B 508 -27.90 36.08 -4.70
N TYR B 509 -27.95 35.59 -3.47
CA TYR B 509 -28.23 34.19 -3.17
C TYR B 509 -29.12 34.14 -1.93
N VAL B 510 -29.65 32.95 -1.64
CA VAL B 510 -30.47 32.77 -0.45
C VAL B 510 -29.79 31.78 0.48
N SER B 511 -30.04 31.95 1.77
CA SER B 511 -29.62 31.00 2.78
C SER B 511 -30.72 29.98 2.99
N LEU B 512 -30.35 28.70 3.04
CA LEU B 512 -31.30 27.62 3.25
C LEU B 512 -31.08 27.08 4.66
N ASP B 513 -32.06 27.34 5.54
CA ASP B 513 -32.05 26.79 6.88
C ASP B 513 -33.50 26.75 7.38
N LEU B 514 -33.67 26.56 8.69
CA LEU B 514 -35.01 26.45 9.25
C LEU B 514 -35.77 27.76 9.19
N ARG B 515 -35.08 28.89 9.13
CA ARG B 515 -35.73 30.18 8.98
C ARG B 515 -36.18 30.36 7.53
N PRO B 516 -37.10 31.30 7.28
CA PRO B 516 -37.48 31.58 5.89
C PRO B 516 -36.31 32.11 5.09
N LEU B 517 -36.47 32.10 3.77
CA LEU B 517 -35.43 32.53 2.85
C LEU B 517 -34.94 33.93 3.20
N GLU B 518 -33.62 34.08 3.27
CA GLU B 518 -32.98 35.37 3.47
C GLU B 518 -32.05 35.62 2.29
N VAL B 519 -32.24 36.76 1.63
CA VAL B 519 -31.46 37.13 0.45
C VAL B 519 -30.21 37.86 0.91
N ARG B 520 -29.05 37.46 0.38
CA ARG B 520 -27.77 38.08 0.72
C ARG B 520 -26.99 38.30 -0.57
N ARG B 521 -25.87 39.03 -0.44
CA ARG B 521 -25.05 39.41 -1.56
C ARG B 521 -23.65 38.82 -1.42
N GLY B 522 -23.13 38.26 -2.50
CA GLY B 522 -21.75 37.84 -2.57
C GLY B 522 -21.45 36.45 -2.05
N LEU B 523 -20.99 35.56 -2.94
CA LEU B 523 -20.51 34.24 -2.55
C LEU B 523 -19.02 34.37 -2.25
N ARG B 524 -18.73 34.89 -1.05
N ARG B 524 -18.73 34.89 -1.05
CA ARG B 524 -17.35 35.17 -0.63
CA ARG B 524 -17.38 35.20 -0.61
C ARG B 524 -16.64 36.03 -1.66
C ARG B 524 -16.64 36.03 -1.66
N ALA B 525 -17.24 37.18 -1.98
CA ALA B 525 -16.77 38.00 -3.10
C ALA B 525 -15.33 38.45 -2.92
N GLN B 526 -14.97 38.91 -1.72
CA GLN B 526 -13.60 39.38 -1.50
C GLN B 526 -12.60 38.24 -1.65
N ALA B 527 -12.89 37.09 -1.07
CA ALA B 527 -11.98 35.95 -1.18
C ALA B 527 -11.91 35.43 -2.61
N CYS B 528 -13.06 35.35 -3.30
CA CYS B 528 -13.08 34.75 -4.63
C CYS B 528 -12.50 35.68 -5.69
N ALA B 529 -12.47 36.99 -5.45
CA ALA B 529 -11.72 37.87 -6.32
C ALA B 529 -10.24 37.48 -6.34
N PHE B 530 -9.73 37.03 -5.20
CA PHE B 530 -8.34 36.58 -5.12
C PHE B 530 -8.12 35.33 -5.97
N TRP B 531 -8.95 34.30 -5.76
CA TRP B 531 -8.76 33.04 -6.46
C TRP B 531 -9.09 33.15 -7.94
N ASN B 532 -10.14 33.91 -8.29
CA ASN B 532 -10.64 33.91 -9.66
C ASN B 532 -10.03 35.00 -10.53
N ARG B 533 -9.59 36.12 -9.94
CA ARG B 533 -9.09 37.25 -10.72
C ARG B 533 -7.59 37.45 -10.59
N PHE B 534 -7.04 37.43 -9.38
CA PHE B 534 -5.62 37.74 -9.23
C PHE B 534 -4.71 36.54 -9.43
N LEU B 535 -4.95 35.45 -8.69
CA LEU B 535 -4.04 34.31 -8.72
C LEU B 535 -3.76 33.77 -10.12
N PRO B 536 -4.72 33.68 -11.05
CA PRO B 536 -4.35 33.26 -12.42
C PRO B 536 -3.28 34.15 -13.04
N LYS B 537 -3.34 35.46 -12.82
CA LYS B 537 -2.33 36.36 -13.37
C LYS B 537 -0.98 36.15 -12.70
N LEU B 538 -0.99 35.88 -11.39
CA LEU B 538 0.27 35.63 -10.68
C LEU B 538 0.94 34.35 -11.18
N LEU B 539 0.15 33.28 -11.36
CA LEU B 539 0.73 32.01 -11.78
C LEU B 539 1.26 32.07 -13.20
N SER B 540 0.72 32.96 -14.04
CA SER B 540 1.16 33.07 -15.42
C SER B 540 2.42 33.93 -15.58
N ALA B 541 2.85 34.63 -14.55
CA ALA B 541 4.06 35.44 -14.63
C ALA B 541 5.00 35.18 -13.46
#